data_7C9Y
#
_entry.id   7C9Y
#
loop_
_entity.id
_entity.type
_entity.pdbx_description
1 polymer VP1
2 polymer VP2
3 polymer VP3
4 polymer VP4
5 non-polymer 'PALMITIC ACID'
6 non-polymer 'MYRISTIC ACID'
#
loop_
_entity_poly.entity_id
_entity_poly.type
_entity_poly.pdbx_seq_one_letter_code
_entity_poly.pdbx_strand_id
1 'polypeptide(L)'
;GPTGEAVERAIARVADTIGSGPVNSESIPALTAAETGHTSQVVPADTMQTRHVKNYHSRSESTVENFLCRSACVFYTTYR
NHGTDGDNFGYWVISTRQVAQLRRKLEMFTYARFDLELTFVITSTQEQSTIQGQDSPVLTHQIMYVPPGGPVPTKVNSYS
WQTSTNPSVFWTEGSAPPRMSIPFISIGNAYSMFYDGWAKFDKQGTYGINTLNNMGTLYMRHVNDGSPGPIVSTVRIYFK
PKHVKTWVPRPPRLCQYQKAGNVNFEPTGVTESRTDITTMQTT
;
A
2 'polypeptide(L)'
;SPSAEECGYSDRVRSITLGNSTITTQECANVVVGYGVWPTYLNDDEATAEDQPTQPDVATCRFYTLESVMWQQSSPGWWW
KFPDALSNMGLFGQNMQYHYLGRAGYTVHVQCNASKFHQGCLLVVCVPEAEMGCATLANKPDQKSLSNGETANMFESQNS
TGQTAVQANVINAGMGVGVGNLTIFPHQWINLRTNNSATIVMPYINSVPMDNMFRHNNFTLMIIPFAPLSYSTGATTYVP
ITVTVAPMCAEYNGLRLAGKQ
;
B
3 'polypeptide(L)'
;GLPTMLTPGSNQFLTSDDFQSPSAMPQFDVTPEMDIPGQVNNLMEIAEVDSVVPVNNTEGKVLSIESYQIPVQSNSTNGS
QVFGFPLMPGASSVLNRTLLGEILNYYTHWSGSIKLTFMFCGSAMATGKFLLAYSPPGAGAPTTRKEAMLGTHVIWDVGL
QSSCVLCIPWISQTHYRYVVVDEYTAGGYITCWYQTNIVVPADTQSDCKILCFVSACNDFSVRMLKDTPFIKQDNFYQ
;
C
4 'polypeptide(L)' GAQVSTQKTGAHETGLSASGNSIIHYTNVNYYKDAASNSANRQDFTQDPGKFTEPVKDIMIKSMPALN D
#
# COMPACT_ATOMS: atom_id res chain seq x y z
N ILE A 11 3.64 10.94 -22.70
CA ILE A 11 3.74 9.53 -22.98
C ILE A 11 4.34 8.78 -21.79
N ALA A 12 3.65 7.73 -21.35
CA ALA A 12 4.17 6.89 -20.27
C ALA A 12 4.90 5.70 -20.89
N ARG A 13 5.87 6.02 -21.74
CA ARG A 13 6.58 5.02 -22.52
C ARG A 13 7.72 4.41 -21.71
N VAL A 14 7.82 3.09 -21.75
CA VAL A 14 8.86 2.40 -20.99
C VAL A 14 10.21 2.58 -21.66
N ALA A 15 11.27 2.23 -20.92
CA ALA A 15 12.62 2.46 -21.39
C ALA A 15 13.02 1.46 -22.47
N ASP A 16 13.76 1.94 -23.46
CA ASP A 16 14.36 1.06 -24.46
C ASP A 16 15.47 0.23 -23.84
N THR A 17 15.71 -0.93 -24.42
CA THR A 17 16.79 -1.80 -24.00
C THR A 17 18.04 -1.44 -24.80
N ILE A 18 19.13 -1.22 -24.10
CA ILE A 18 20.38 -0.81 -24.76
C ILE A 18 21.20 -2.05 -25.08
N GLY A 19 22.00 -1.95 -26.14
CA GLY A 19 22.89 -3.03 -26.51
C GLY A 19 24.09 -3.09 -25.59
N SER A 20 24.52 -4.29 -25.25
CA SER A 20 25.65 -4.49 -24.36
C SER A 20 26.38 -5.76 -24.78
N GLY A 21 27.71 -5.66 -24.86
CA GLY A 21 28.53 -6.79 -25.23
C GLY A 21 29.12 -7.47 -24.00
N PRO A 22 30.23 -8.18 -24.20
CA PRO A 22 30.90 -8.81 -23.06
C PRO A 22 31.57 -7.78 -22.16
N VAL A 23 31.73 -8.13 -20.90
CA VAL A 23 32.35 -7.26 -19.91
C VAL A 23 33.33 -8.07 -19.08
N ASN A 24 34.40 -7.41 -18.64
CA ASN A 24 35.33 -7.93 -17.64
C ASN A 24 35.99 -6.72 -16.99
N SER A 25 35.51 -6.36 -15.80
CA SER A 25 35.99 -5.14 -15.14
C SER A 25 35.71 -5.25 -13.66
N GLU A 26 35.92 -4.14 -12.96
CA GLU A 26 35.73 -4.11 -11.51
C GLU A 26 34.32 -3.68 -11.14
N SER A 27 33.59 -3.08 -12.08
CA SER A 27 32.25 -2.62 -11.79
C SER A 27 31.33 -3.79 -11.48
N ILE A 28 30.57 -3.67 -10.40
CA ILE A 28 29.73 -4.75 -9.87
C ILE A 28 28.28 -4.30 -9.83
N PRO A 29 27.59 -4.22 -10.96
CA PRO A 29 26.19 -3.81 -10.94
C PRO A 29 25.27 -4.80 -10.25
N ALA A 30 25.61 -6.09 -10.22
CA ALA A 30 24.71 -7.08 -9.65
C ALA A 30 24.82 -7.15 -8.13
N LEU A 31 25.96 -6.76 -7.56
CA LEU A 31 26.14 -6.79 -6.13
C LEU A 31 25.73 -5.46 -5.51
N THR A 32 25.04 -5.52 -4.39
CA THR A 32 24.55 -4.32 -3.74
C THR A 32 24.30 -4.64 -2.26
N ALA A 33 23.79 -3.66 -1.53
CA ALA A 33 23.36 -3.82 -0.15
C ALA A 33 21.87 -3.54 -0.07
N ALA A 34 21.07 -4.58 0.12
CA ALA A 34 19.65 -4.42 0.30
C ALA A 34 19.29 -3.87 1.68
N GLU A 35 20.26 -3.81 2.60
CA GLU A 35 20.01 -3.25 3.92
C GLU A 35 19.76 -1.75 3.85
N THR A 36 20.21 -1.10 2.78
CA THR A 36 20.13 0.35 2.69
C THR A 36 18.69 0.83 2.52
N GLY A 37 17.79 -0.07 2.12
CA GLY A 37 16.44 0.30 1.75
C GLY A 37 16.31 0.73 0.30
N HIS A 38 17.42 0.95 -0.37
CA HIS A 38 17.45 1.28 -1.79
C HIS A 38 17.12 0.04 -2.62
N THR A 39 16.21 0.22 -3.58
CA THR A 39 15.87 -0.82 -4.54
C THR A 39 16.80 -0.70 -5.73
N SER A 40 17.50 -1.79 -6.04
CA SER A 40 18.53 -1.75 -7.08
C SER A 40 17.92 -1.40 -8.43
N GLN A 41 18.67 -0.63 -9.22
CA GLN A 41 18.23 -0.16 -10.52
C GLN A 41 18.84 -0.95 -11.66
N VAL A 42 19.24 -2.20 -11.41
CA VAL A 42 19.82 -3.05 -12.43
C VAL A 42 18.84 -3.28 -13.57
N VAL A 43 19.31 -3.16 -14.80
CA VAL A 43 18.53 -3.54 -15.98
C VAL A 43 19.14 -4.81 -16.54
N PRO A 44 18.45 -5.47 -17.47
CA PRO A 44 18.98 -6.72 -18.04
C PRO A 44 20.31 -6.53 -18.77
N ALA A 45 20.60 -5.30 -19.19
CA ALA A 45 21.84 -4.99 -19.90
C ALA A 45 23.05 -4.93 -18.99
N ASP A 46 22.90 -5.24 -17.71
CA ASP A 46 24.02 -5.23 -16.77
C ASP A 46 24.58 -6.61 -16.46
N THR A 47 23.81 -7.67 -16.73
CA THR A 47 24.21 -9.02 -16.37
C THR A 47 24.15 -9.99 -17.55
N MET A 48 24.12 -9.47 -18.78
CA MET A 48 24.07 -10.32 -19.96
C MET A 48 24.21 -9.43 -21.19
N GLN A 49 24.66 -10.04 -22.28
CA GLN A 49 24.70 -9.35 -23.57
C GLN A 49 23.28 -9.17 -24.07
N THR A 50 22.85 -7.93 -24.23
CA THR A 50 21.53 -7.62 -24.73
C THR A 50 21.62 -7.05 -26.13
N ARG A 51 20.52 -7.12 -26.85
CA ARG A 51 20.38 -6.44 -28.11
C ARG A 51 19.71 -5.09 -27.87
N HIS A 52 19.51 -4.32 -28.94
CA HIS A 52 18.79 -3.06 -28.85
C HIS A 52 17.33 -3.29 -29.19
N VAL A 53 16.45 -2.90 -28.28
CA VAL A 53 15.01 -3.02 -28.46
C VAL A 53 14.38 -1.65 -28.30
N LYS A 54 13.68 -1.18 -29.33
CA LYS A 54 12.90 0.04 -29.25
C LYS A 54 11.54 -0.30 -28.67
N ASN A 55 11.37 -0.11 -27.37
CA ASN A 55 10.16 -0.51 -26.68
C ASN A 55 9.11 0.59 -26.83
N TYR A 56 7.96 0.23 -27.41
CA TYR A 56 6.85 1.15 -27.59
C TYR A 56 5.73 0.92 -26.60
N HIS A 57 5.94 0.09 -25.58
CA HIS A 57 4.92 -0.14 -24.56
C HIS A 57 4.82 1.07 -23.64
N SER A 58 3.59 1.39 -23.23
CA SER A 58 3.34 2.54 -22.41
C SER A 58 2.62 2.13 -21.14
N ARG A 59 2.80 2.94 -20.09
CA ARG A 59 2.17 2.73 -18.80
C ARG A 59 0.90 3.56 -18.64
N SER A 60 0.18 3.80 -19.73
CA SER A 60 -0.98 4.66 -19.70
C SER A 60 -2.13 4.07 -18.90
N GLU A 61 -2.15 2.75 -18.72
CA GLU A 61 -3.28 2.09 -18.08
C GLU A 61 -3.10 1.89 -16.58
N SER A 62 -1.88 2.07 -16.07
CA SER A 62 -1.63 1.92 -14.65
C SER A 62 -1.57 3.25 -13.90
N THR A 63 -1.95 4.35 -14.54
CA THR A 63 -2.07 5.61 -13.80
C THR A 63 -3.16 5.47 -12.75
N VAL A 64 -3.07 6.27 -11.69
CA VAL A 64 -4.03 6.15 -10.60
C VAL A 64 -5.40 6.63 -11.04
N GLU A 65 -5.46 7.52 -12.03
CA GLU A 65 -6.74 7.94 -12.56
C GLU A 65 -7.45 6.80 -13.27
N ASN A 66 -6.75 6.09 -14.14
CA ASN A 66 -7.37 5.00 -14.89
C ASN A 66 -7.65 3.81 -14.01
N PHE A 67 -6.76 3.53 -13.05
CA PHE A 67 -6.96 2.43 -12.12
C PHE A 67 -8.19 2.64 -11.25
N LEU A 68 -8.51 3.90 -10.94
CA LEU A 68 -9.61 4.20 -10.03
C LEU A 68 -10.86 4.70 -10.73
N CYS A 69 -10.76 5.19 -11.97
CA CYS A 69 -11.91 5.79 -12.66
C CYS A 69 -12.76 4.71 -13.31
N ARG A 70 -13.38 3.90 -12.45
CA ARG A 70 -14.33 2.88 -12.89
C ARG A 70 -15.54 2.93 -11.97
N SER A 71 -16.73 2.96 -12.54
CA SER A 71 -17.94 2.96 -11.74
C SER A 71 -18.04 1.66 -10.95
N ALA A 72 -18.28 1.79 -9.65
CA ALA A 72 -18.37 0.63 -8.77
C ALA A 72 -19.58 0.79 -7.87
N CYS A 73 -20.35 -0.29 -7.73
CA CYS A 73 -21.48 -0.26 -6.82
C CYS A 73 -20.98 -0.31 -5.38
N VAL A 74 -21.49 0.60 -4.56
CA VAL A 74 -21.06 0.69 -3.17
C VAL A 74 -22.16 0.31 -2.18
N PHE A 75 -23.41 0.21 -2.62
CA PHE A 75 -24.50 -0.17 -1.74
C PHE A 75 -25.78 -0.27 -2.56
N TYR A 76 -26.70 -1.09 -2.07
CA TYR A 76 -28.07 -1.04 -2.57
C TYR A 76 -29.01 -1.35 -1.42
N THR A 77 -30.18 -0.69 -1.43
CA THR A 77 -31.18 -0.90 -0.41
C THR A 77 -32.56 -0.87 -1.08
N THR A 78 -33.56 -1.36 -0.34
CA THR A 78 -34.89 -1.54 -0.88
C THR A 78 -35.88 -0.68 -0.10
N TYR A 79 -36.89 -0.18 -0.81
CA TYR A 79 -38.02 0.51 -0.21
C TYR A 79 -39.29 0.14 -0.97
N ARG A 80 -40.42 0.15 -0.27
CA ARG A 80 -41.68 -0.30 -0.81
C ARG A 80 -42.63 0.88 -1.03
N ASN A 81 -43.81 0.56 -1.58
CA ASN A 81 -44.79 1.61 -1.86
C ASN A 81 -45.91 1.64 -0.84
N HIS A 82 -46.13 0.55 -0.11
CA HIS A 82 -47.23 0.50 0.84
C HIS A 82 -46.78 0.89 2.25
N GLY A 83 -45.80 0.18 2.82
CA GLY A 83 -45.23 0.57 4.09
C GLY A 83 -46.22 0.63 5.24
N THR A 84 -45.67 0.88 6.43
CA THR A 84 -46.49 1.11 7.62
C THR A 84 -45.63 1.80 8.68
N ASP A 85 -45.99 3.03 9.02
CA ASP A 85 -47.13 3.69 8.40
C ASP A 85 -46.92 5.16 7.97
N GLY A 86 -45.85 5.49 7.26
CA GLY A 86 -44.81 4.62 6.75
C GLY A 86 -43.62 5.52 6.44
N ASP A 87 -42.36 5.17 6.70
CA ASP A 87 -41.75 3.86 7.04
C ASP A 87 -41.61 2.98 5.78
N ASN A 88 -42.11 3.44 4.64
CA ASN A 88 -41.72 2.85 3.36
C ASN A 88 -40.82 3.82 2.60
N PHE A 89 -39.58 3.92 3.07
CA PHE A 89 -38.54 4.66 2.37
C PHE A 89 -37.18 4.08 2.77
N GLY A 90 -36.14 4.49 2.05
CA GLY A 90 -34.81 3.96 2.24
C GLY A 90 -33.84 5.04 2.68
N TYR A 91 -32.75 4.60 3.28
CA TYR A 91 -31.68 5.49 3.73
C TYR A 91 -30.35 4.76 3.65
N TRP A 92 -29.27 5.52 3.46
CA TRP A 92 -27.92 4.98 3.48
C TRP A 92 -26.99 6.02 4.07
N VAL A 93 -26.31 5.67 5.15
CA VAL A 93 -25.25 6.50 5.69
C VAL A 93 -24.01 6.28 4.83
N ILE A 94 -23.59 7.35 4.14
CA ILE A 94 -22.61 7.22 3.06
C ILE A 94 -21.27 6.75 3.61
N SER A 95 -20.72 5.71 2.98
CA SER A 95 -19.38 5.23 3.27
C SER A 95 -18.86 4.48 2.06
N THR A 96 -17.54 4.33 1.98
CA THR A 96 -16.90 3.58 0.92
C THR A 96 -16.36 2.24 1.41
N ARG A 97 -16.76 1.79 2.59
CA ARG A 97 -16.16 0.62 3.23
C ARG A 97 -17.14 -0.52 3.44
N GLN A 98 -18.30 -0.50 2.78
CA GLN A 98 -19.27 -1.58 2.91
C GLN A 98 -19.16 -2.59 1.78
N VAL A 99 -18.31 -2.35 0.79
CA VAL A 99 -18.07 -3.29 -0.30
C VAL A 99 -16.59 -3.66 -0.27
N ALA A 100 -16.27 -4.88 -0.71
CA ALA A 100 -14.89 -5.34 -0.67
C ALA A 100 -14.08 -4.80 -1.83
N GLN A 101 -14.67 -4.75 -3.03
CA GLN A 101 -13.88 -4.49 -4.24
C GLN A 101 -13.35 -3.06 -4.27
N LEU A 102 -14.24 -2.07 -4.11
CA LEU A 102 -13.78 -0.69 -4.16
C LEU A 102 -13.01 -0.30 -2.92
N ARG A 103 -13.32 -0.93 -1.78
CA ARG A 103 -12.61 -0.61 -0.54
C ARG A 103 -11.14 -0.99 -0.64
N ARG A 104 -10.83 -2.09 -1.33
CA ARG A 104 -9.44 -2.53 -1.39
C ARG A 104 -8.63 -1.67 -2.35
N LYS A 105 -9.27 -1.14 -3.39
CA LYS A 105 -8.56 -0.26 -4.31
C LYS A 105 -8.27 1.09 -3.67
N LEU A 106 -9.28 1.68 -3.01
CA LEU A 106 -9.07 2.95 -2.34
C LEU A 106 -8.07 2.83 -1.21
N GLU A 107 -7.99 1.67 -0.56
CA GLU A 107 -7.13 1.47 0.59
C GLU A 107 -5.72 1.05 0.23
N MET A 108 -5.35 1.07 -1.06
CA MET A 108 -3.95 0.93 -1.41
C MET A 108 -3.17 2.20 -1.16
N PHE A 109 -3.85 3.28 -0.80
CA PHE A 109 -3.23 4.55 -0.49
C PHE A 109 -3.72 5.02 0.87
N THR A 110 -2.94 5.91 1.49
CA THR A 110 -3.30 6.44 2.79
C THR A 110 -4.13 7.71 2.69
N TYR A 111 -3.92 8.49 1.62
CA TYR A 111 -4.61 9.75 1.42
C TYR A 111 -5.01 9.88 -0.03
N ALA A 112 -6.20 10.40 -0.29
CA ALA A 112 -6.66 10.59 -1.65
C ALA A 112 -7.55 11.82 -1.74
N ARG A 113 -7.42 12.55 -2.83
CA ARG A 113 -8.26 13.69 -3.14
C ARG A 113 -8.88 13.45 -4.52
N PHE A 114 -10.20 13.54 -4.60
CA PHE A 114 -10.84 13.31 -5.90
C PHE A 114 -12.26 13.86 -5.89
N ASP A 115 -12.77 14.09 -7.09
CA ASP A 115 -14.18 14.34 -7.32
C ASP A 115 -14.88 13.03 -7.67
N LEU A 116 -16.18 12.97 -7.40
CA LEU A 116 -16.96 11.76 -7.65
C LEU A 116 -17.97 11.97 -8.77
N GLU A 117 -18.20 10.91 -9.51
CA GLU A 117 -19.33 10.79 -10.42
C GLU A 117 -20.31 9.80 -9.82
N LEU A 118 -21.47 10.29 -9.40
CA LEU A 118 -22.46 9.48 -8.71
C LEU A 118 -23.56 9.08 -9.68
N THR A 119 -23.85 7.78 -9.75
CA THR A 119 -24.83 7.22 -10.65
C THR A 119 -25.73 6.29 -9.85
N PHE A 120 -27.01 6.24 -10.23
CA PHE A 120 -27.98 5.41 -9.56
C PHE A 120 -28.63 4.47 -10.56
N VAL A 121 -28.95 3.26 -10.13
CA VAL A 121 -29.66 2.28 -10.94
C VAL A 121 -30.83 1.77 -10.11
N ILE A 122 -32.02 2.27 -10.41
CA ILE A 122 -33.23 1.98 -9.64
C ILE A 122 -34.07 0.99 -10.43
N THR A 123 -34.42 -0.13 -9.79
CA THR A 123 -35.22 -1.18 -10.41
C THR A 123 -36.35 -1.55 -9.47
N SER A 124 -37.53 -1.80 -10.04
CA SER A 124 -38.72 -2.11 -9.27
C SER A 124 -39.15 -3.53 -9.56
N THR A 125 -39.74 -4.19 -8.56
CA THR A 125 -40.18 -5.57 -8.66
C THR A 125 -41.61 -5.69 -8.15
N GLN A 126 -42.42 -6.47 -8.85
CA GLN A 126 -43.75 -6.79 -8.39
C GLN A 126 -43.68 -7.87 -7.32
N GLU A 127 -44.53 -7.75 -6.32
CA GLU A 127 -44.54 -8.66 -5.18
C GLU A 127 -45.71 -9.63 -5.27
N GLN A 128 -45.58 -10.74 -4.56
CA GLN A 128 -46.67 -11.72 -4.52
C GLN A 128 -47.89 -11.13 -3.82
N SER A 129 -49.04 -11.30 -4.43
CA SER A 129 -50.28 -10.79 -3.86
C SER A 129 -51.45 -11.33 -4.68
N THR A 130 -52.66 -10.95 -4.28
CA THR A 130 -53.89 -11.29 -5.00
C THR A 130 -54.71 -10.05 -5.31
N ILE A 131 -54.07 -8.99 -5.79
CA ILE A 131 -54.73 -7.70 -5.93
C ILE A 131 -55.16 -7.47 -7.38
N GLN A 132 -55.31 -8.55 -8.14
CA GLN A 132 -55.74 -8.45 -9.54
C GLN A 132 -57.05 -7.70 -9.68
N GLY A 133 -57.14 -6.85 -10.70
CA GLY A 133 -56.05 -6.64 -11.63
C GLY A 133 -55.33 -5.33 -11.41
N GLN A 134 -54.04 -5.31 -11.73
CA GLN A 134 -53.17 -4.16 -11.48
C GLN A 134 -52.74 -3.55 -12.80
N ASP A 135 -52.93 -2.25 -12.93
CA ASP A 135 -52.43 -1.46 -14.05
C ASP A 135 -51.88 -0.15 -13.50
N SER A 136 -50.57 -0.13 -13.24
CA SER A 136 -49.96 0.93 -12.45
C SER A 136 -49.20 1.88 -13.36
N PRO A 137 -49.41 3.19 -13.24
CA PRO A 137 -48.64 4.14 -14.04
C PRO A 137 -47.16 4.09 -13.69
N VAL A 138 -46.37 4.80 -14.50
CA VAL A 138 -44.92 4.78 -14.35
C VAL A 138 -44.54 5.35 -12.98
N LEU A 139 -43.45 4.84 -12.41
CA LEU A 139 -43.04 5.26 -11.08
C LEU A 139 -41.98 6.35 -11.17
N THR A 140 -42.02 7.24 -10.18
CA THR A 140 -41.05 8.33 -10.04
C THR A 140 -40.41 8.26 -8.65
N HIS A 141 -39.08 8.28 -8.63
CA HIS A 141 -38.33 8.14 -7.39
C HIS A 141 -37.66 9.47 -7.05
N GLN A 142 -37.49 9.74 -5.76
CA GLN A 142 -36.80 10.93 -5.29
C GLN A 142 -35.70 10.51 -4.33
N ILE A 143 -34.45 10.76 -4.71
CA ILE A 143 -33.31 10.57 -3.83
C ILE A 143 -32.94 11.93 -3.27
N MET A 144 -32.96 12.04 -1.94
CA MET A 144 -32.58 13.26 -1.25
C MET A 144 -31.29 13.03 -0.48
N TYR A 145 -30.38 13.99 -0.53
CA TYR A 145 -29.14 13.95 0.22
C TYR A 145 -29.23 14.97 1.36
N VAL A 146 -29.06 14.49 2.58
CA VAL A 146 -29.10 15.35 3.77
C VAL A 146 -27.69 15.43 4.34
N PRO A 147 -27.01 16.56 4.22
CA PRO A 147 -25.68 16.70 4.82
C PRO A 147 -25.77 16.61 6.34
N PRO A 148 -24.64 16.44 7.02
CA PRO A 148 -24.66 16.30 8.48
C PRO A 148 -25.24 17.52 9.19
N GLY A 149 -26.27 17.30 10.01
CA GLY A 149 -26.91 18.34 10.76
C GLY A 149 -28.28 18.74 10.26
N GLY A 150 -28.63 18.37 9.03
CA GLY A 150 -29.89 18.78 8.45
C GLY A 150 -31.04 17.93 8.96
N PRO A 151 -32.26 18.42 8.69
CA PRO A 151 -33.44 17.70 9.17
C PRO A 151 -33.64 16.40 8.39
N VAL A 152 -33.92 15.32 9.14
CA VAL A 152 -34.04 13.98 8.58
C VAL A 152 -35.50 13.67 8.26
N PRO A 153 -35.78 12.96 7.17
CA PRO A 153 -37.15 12.48 6.93
C PRO A 153 -37.53 11.41 7.95
N THR A 154 -38.69 11.58 8.56
CA THR A 154 -39.22 10.61 9.50
C THR A 154 -40.33 9.75 8.93
N LYS A 155 -41.10 10.29 7.98
CA LYS A 155 -42.13 9.54 7.27
C LYS A 155 -41.86 9.66 5.78
N VAL A 156 -42.63 8.90 4.99
CA VAL A 156 -42.41 8.90 3.55
C VAL A 156 -43.00 10.16 2.93
N ASN A 157 -43.77 10.93 3.71
CA ASN A 157 -44.39 12.16 3.23
C ASN A 157 -44.11 13.34 4.14
N SER A 158 -43.03 13.30 4.92
CA SER A 158 -42.74 14.37 5.86
C SER A 158 -42.26 15.61 5.12
N TYR A 159 -42.18 16.73 5.85
CA TYR A 159 -41.89 18.02 5.23
C TYR A 159 -40.47 18.11 4.69
N SER A 160 -39.56 17.26 5.14
CA SER A 160 -38.17 17.38 4.74
C SER A 160 -37.97 17.11 3.26
N TRP A 161 -38.92 16.41 2.64
CA TRP A 161 -38.79 16.05 1.23
C TRP A 161 -38.98 17.26 0.32
N GLN A 162 -39.36 18.41 0.88
CA GLN A 162 -39.50 19.64 0.12
C GLN A 162 -38.20 20.03 -0.57
N THR A 163 -37.07 19.70 0.07
CA THR A 163 -35.73 19.92 -0.49
C THR A 163 -35.51 21.37 -0.90
N SER A 164 -35.83 22.28 0.02
CA SER A 164 -35.64 23.69 -0.26
C SER A 164 -34.17 24.02 -0.46
N THR A 165 -33.29 23.40 0.33
CA THR A 165 -31.85 23.64 0.25
C THR A 165 -31.06 22.35 0.08
N ASN A 166 -31.64 21.21 0.46
CA ASN A 166 -31.01 19.90 0.31
C ASN A 166 -31.07 19.46 -1.14
N PRO A 167 -29.96 19.01 -1.72
CA PRO A 167 -29.99 18.59 -3.12
C PRO A 167 -30.71 17.27 -3.30
N SER A 168 -31.59 17.23 -4.30
CA SER A 168 -32.38 16.03 -4.60
C SER A 168 -32.47 15.87 -6.11
N VAL A 169 -32.55 14.61 -6.55
CA VAL A 169 -32.76 14.27 -7.95
C VAL A 169 -34.06 13.50 -8.06
N PHE A 170 -34.91 13.91 -8.98
CA PHE A 170 -36.15 13.20 -9.29
C PHE A 170 -35.95 12.41 -10.58
N TRP A 171 -36.43 11.18 -10.60
CA TRP A 171 -36.21 10.29 -11.73
C TRP A 171 -37.43 9.42 -11.97
N THR A 172 -37.83 9.35 -13.23
CA THR A 172 -38.91 8.46 -13.67
C THR A 172 -38.32 7.22 -14.31
N GLU A 173 -38.92 6.07 -14.02
CA GLU A 173 -38.43 4.81 -14.55
C GLU A 173 -38.50 4.77 -16.06
N GLY A 174 -37.69 3.91 -16.66
CA GLY A 174 -37.65 3.76 -18.09
C GLY A 174 -36.68 4.66 -18.81
N SER A 175 -36.01 5.57 -18.11
CA SER A 175 -35.09 6.51 -18.73
C SER A 175 -33.67 6.21 -18.25
N ALA A 176 -32.73 7.01 -18.73
CA ALA A 176 -31.33 6.81 -18.40
C ALA A 176 -31.13 6.90 -16.89
N PRO A 177 -30.25 6.08 -16.32
CA PRO A 177 -29.98 6.16 -14.89
C PRO A 177 -29.43 7.53 -14.51
N PRO A 178 -29.88 8.11 -13.40
CA PRO A 178 -29.47 9.47 -13.07
C PRO A 178 -28.02 9.53 -12.62
N ARG A 179 -27.36 10.64 -12.93
CA ARG A 179 -25.95 10.83 -12.62
C ARG A 179 -25.68 12.29 -12.30
N MET A 180 -24.85 12.52 -11.28
CA MET A 180 -24.41 13.87 -10.95
C MET A 180 -22.99 13.81 -10.42
N SER A 181 -22.29 14.95 -10.50
CA SER A 181 -20.93 15.08 -10.02
C SER A 181 -20.90 15.71 -8.65
N ILE A 182 -19.99 15.22 -7.81
CA ILE A 182 -19.74 15.77 -6.48
C ILE A 182 -18.29 16.20 -6.43
N PRO A 183 -17.98 17.41 -5.98
CA PRO A 183 -16.59 17.81 -5.80
C PRO A 183 -15.97 17.16 -4.57
N PHE A 184 -14.68 17.45 -4.38
CA PHE A 184 -13.98 17.03 -3.18
C PHE A 184 -14.47 17.87 -2.00
N ILE A 185 -15.06 17.22 -1.00
CA ILE A 185 -15.87 17.92 0.01
C ILE A 185 -15.33 17.77 1.42
N SER A 186 -14.16 17.18 1.62
CA SER A 186 -13.73 16.95 2.99
C SER A 186 -13.22 18.24 3.62
N ILE A 187 -13.21 18.26 4.95
CA ILE A 187 -12.68 19.41 5.66
C ILE A 187 -11.16 19.35 5.75
N GLY A 188 -10.60 18.15 5.65
CA GLY A 188 -9.17 18.01 5.56
C GLY A 188 -8.66 18.27 4.16
N ASN A 189 -7.33 18.27 4.02
CA ASN A 189 -6.72 18.51 2.72
C ASN A 189 -6.76 17.28 1.85
N ALA A 190 -7.15 16.13 2.41
CA ALA A 190 -7.24 14.89 1.66
C ALA A 190 -8.18 13.95 2.39
N TYR A 191 -8.86 13.11 1.62
CA TYR A 191 -9.60 12.00 2.21
C TYR A 191 -8.62 11.02 2.85
N SER A 192 -8.96 10.53 4.02
CA SER A 192 -8.16 9.55 4.75
C SER A 192 -8.80 8.18 4.55
N MET A 193 -7.99 7.21 4.12
CA MET A 193 -8.45 5.83 4.13
C MET A 193 -8.16 5.15 5.46
N PHE A 194 -7.24 5.73 6.22
CA PHE A 194 -6.74 5.12 7.45
C PHE A 194 -6.52 6.21 8.49
N TYR A 195 -6.92 5.92 9.72
CA TYR A 195 -6.78 6.84 10.84
C TYR A 195 -6.37 6.06 12.07
N ASP A 196 -5.27 6.47 12.68
CA ASP A 196 -4.64 5.72 13.77
C ASP A 196 -4.78 6.51 15.07
N GLY A 197 -5.97 7.03 15.31
CA GLY A 197 -6.24 7.76 16.53
C GLY A 197 -7.68 7.57 16.97
N TRP A 198 -8.04 8.27 18.04
CA TRP A 198 -9.38 8.21 18.58
C TRP A 198 -10.13 9.49 18.26
N ALA A 199 -11.42 9.52 18.63
CA ALA A 199 -12.22 10.70 18.39
C ALA A 199 -12.13 11.68 19.56
N LYS A 200 -12.07 11.16 20.78
CA LYS A 200 -11.97 11.97 21.99
C LYS A 200 -10.52 12.11 22.42
N PHE A 201 -10.23 13.23 23.09
CA PHE A 201 -8.85 13.52 23.48
C PHE A 201 -8.38 12.57 24.56
N ASP A 202 -9.29 12.07 25.40
CA ASP A 202 -8.90 11.12 26.43
C ASP A 202 -8.74 9.70 25.90
N LYS A 203 -8.96 9.50 24.60
CA LYS A 203 -8.81 8.24 23.87
C LYS A 203 -9.95 7.28 24.16
N GLN A 204 -10.99 7.69 24.86
CA GLN A 204 -12.18 6.85 24.96
C GLN A 204 -13.06 7.07 23.74
N GLY A 205 -13.81 6.03 23.38
CA GLY A 205 -14.71 6.12 22.25
C GLY A 205 -14.17 5.46 21.01
N THR A 206 -14.68 5.94 19.87
CA THR A 206 -14.36 5.32 18.59
C THR A 206 -12.88 5.49 18.24
N TYR A 207 -12.25 4.37 17.88
CA TYR A 207 -10.88 4.36 17.41
C TYR A 207 -10.86 3.95 15.95
N GLY A 208 -10.22 4.75 15.11
CA GLY A 208 -9.94 4.37 13.76
C GLY A 208 -10.64 5.25 12.75
N ILE A 209 -10.82 4.72 11.55
CA ILE A 209 -11.25 5.52 10.41
C ILE A 209 -12.70 5.96 10.56
N ASN A 210 -13.45 5.37 11.50
CA ASN A 210 -14.83 5.78 11.70
C ASN A 210 -14.90 7.17 12.33
N THR A 211 -13.81 7.61 12.95
CA THR A 211 -13.76 8.95 13.53
C THR A 211 -14.02 10.03 12.49
N LEU A 212 -13.55 9.80 11.26
CA LEU A 212 -13.64 10.83 10.24
C LEU A 212 -14.82 10.63 9.29
N ASN A 213 -15.72 9.70 9.60
CA ASN A 213 -16.84 9.45 8.70
C ASN A 213 -18.04 10.31 9.08
N ASN A 214 -18.15 11.46 8.42
CA ASN A 214 -19.26 12.38 8.64
C ASN A 214 -19.77 12.93 7.32
N MET A 215 -19.96 12.06 6.34
CA MET A 215 -20.27 12.48 4.98
C MET A 215 -21.75 12.85 4.80
N GLY A 216 -22.64 12.15 5.48
CA GLY A 216 -24.05 12.44 5.37
C GLY A 216 -24.85 11.18 5.12
N THR A 217 -26.06 11.37 4.62
CA THR A 217 -27.02 10.29 4.42
C THR A 217 -27.85 10.55 3.17
N LEU A 218 -28.21 9.48 2.48
CA LEU A 218 -29.11 9.52 1.33
C LEU A 218 -30.46 8.96 1.73
N TYR A 219 -31.53 9.56 1.21
CA TYR A 219 -32.89 9.11 1.48
C TYR A 219 -33.63 8.92 0.16
N MET A 220 -34.33 7.79 0.05
CA MET A 220 -35.03 7.40 -1.17
C MET A 220 -36.50 7.12 -0.86
N ARG A 221 -37.37 7.39 -1.84
CA ARG A 221 -38.79 7.10 -1.70
C ARG A 221 -39.42 7.10 -3.08
N HIS A 222 -40.66 6.63 -3.14
CA HIS A 222 -41.52 6.80 -4.30
C HIS A 222 -42.24 8.13 -4.17
N VAL A 223 -42.17 8.95 -5.22
CA VAL A 223 -42.93 10.19 -5.23
C VAL A 223 -44.40 9.91 -5.51
N ASN A 224 -44.69 8.77 -6.11
CA ASN A 224 -46.06 8.37 -6.38
C ASN A 224 -46.76 7.96 -5.09
N ASP A 225 -48.07 8.16 -5.04
CA ASP A 225 -48.87 7.53 -4.01
C ASP A 225 -48.98 6.04 -4.28
N GLY A 226 -49.03 5.25 -3.21
CA GLY A 226 -49.01 3.81 -3.37
C GLY A 226 -50.26 3.30 -4.04
N SER A 227 -50.09 2.44 -5.03
CA SER A 227 -51.18 1.76 -5.71
C SER A 227 -51.55 0.49 -4.97
N PRO A 228 -52.65 -0.16 -5.36
CA PRO A 228 -53.06 -1.37 -4.65
C PRO A 228 -52.05 -2.50 -4.74
N GLY A 229 -51.43 -2.70 -5.89
CA GLY A 229 -50.47 -3.76 -6.06
C GLY A 229 -49.15 -3.48 -5.36
N PRO A 230 -48.65 -4.45 -4.60
CA PRO A 230 -47.42 -4.22 -3.84
C PRO A 230 -46.20 -4.17 -4.75
N ILE A 231 -45.22 -3.35 -4.38
CA ILE A 231 -44.05 -3.10 -5.20
C ILE A 231 -42.87 -2.81 -4.28
N VAL A 232 -41.71 -3.35 -4.61
CA VAL A 232 -40.47 -3.09 -3.90
C VAL A 232 -39.43 -2.63 -4.90
N SER A 233 -38.77 -1.51 -4.60
CA SER A 233 -37.74 -0.94 -5.46
C SER A 233 -36.40 -1.02 -4.76
N THR A 234 -35.35 -1.27 -5.53
CA THR A 234 -33.99 -1.31 -5.02
C THR A 234 -33.14 -0.30 -5.78
N VAL A 235 -32.38 0.49 -5.03
CA VAL A 235 -31.51 1.52 -5.59
C VAL A 235 -30.07 1.10 -5.39
N ARG A 236 -29.30 1.09 -6.48
CA ARG A 236 -27.89 0.76 -6.46
C ARG A 236 -27.08 2.02 -6.67
N ILE A 237 -26.21 2.35 -5.72
CA ILE A 237 -25.36 3.53 -5.78
C ILE A 237 -24.03 3.12 -6.39
N TYR A 238 -23.51 3.94 -7.29
CA TYR A 238 -22.24 3.70 -7.97
C TYR A 238 -21.34 4.90 -7.78
N PHE A 239 -20.12 4.67 -7.32
CA PHE A 239 -19.13 5.72 -7.14
C PHE A 239 -18.11 5.63 -8.26
N LYS A 240 -17.62 6.77 -8.70
CA LYS A 240 -16.53 6.82 -9.68
C LYS A 240 -15.56 7.93 -9.32
N PRO A 241 -14.38 7.62 -8.81
CA PRO A 241 -13.41 8.68 -8.50
C PRO A 241 -12.94 9.38 -9.75
N LYS A 242 -12.82 10.71 -9.65
CA LYS A 242 -12.41 11.55 -10.76
C LYS A 242 -11.37 12.54 -10.27
N HIS A 243 -10.44 12.91 -11.16
CA HIS A 243 -9.44 13.93 -10.86
C HIS A 243 -8.63 13.54 -9.63
N VAL A 244 -8.03 12.34 -9.70
CA VAL A 244 -7.52 11.69 -8.50
C VAL A 244 -6.11 12.18 -8.16
N LYS A 245 -5.82 12.19 -6.86
CA LYS A 245 -4.47 12.40 -6.35
C LYS A 245 -4.30 11.52 -5.12
N THR A 246 -3.28 10.67 -5.13
CA THR A 246 -3.07 9.69 -4.08
C THR A 246 -1.72 9.93 -3.43
N TRP A 247 -1.62 9.57 -2.15
CA TRP A 247 -0.39 9.74 -1.38
C TRP A 247 -0.14 8.51 -0.53
N VAL A 248 1.14 8.21 -0.34
CA VAL A 248 1.62 7.17 0.57
C VAL A 248 0.97 5.82 0.28
N PRO A 249 1.38 5.13 -0.78
CA PRO A 249 0.83 3.79 -1.03
C PRO A 249 1.23 2.83 0.07
N ARG A 250 0.35 1.86 0.33
CA ARG A 250 0.55 0.86 1.36
C ARG A 250 0.21 -0.51 0.81
N PRO A 251 0.61 -1.58 1.50
CA PRO A 251 0.40 -2.94 0.99
C PRO A 251 -1.08 -3.24 0.81
N PRO A 252 -1.43 -3.97 -0.23
CA PRO A 252 -2.85 -4.33 -0.43
C PRO A 252 -3.35 -5.23 0.69
N ARG A 253 -4.64 -5.08 0.99
CA ARG A 253 -5.27 -5.90 2.02
C ARG A 253 -5.16 -7.38 1.67
N LEU A 254 -4.63 -8.16 2.61
CA LEU A 254 -4.48 -9.60 2.43
C LEU A 254 -5.61 -10.39 3.07
N CYS A 255 -6.05 -10.00 4.25
CA CYS A 255 -7.11 -10.69 4.97
C CYS A 255 -8.46 -10.13 4.54
N GLN A 256 -9.48 -10.98 4.62
CA GLN A 256 -10.81 -10.58 4.23
C GLN A 256 -11.41 -9.62 5.23
N TYR A 257 -12.11 -8.61 4.74
CA TYR A 257 -12.71 -7.61 5.62
C TYR A 257 -13.79 -8.25 6.46
N GLN A 258 -14.05 -7.65 7.62
CA GLN A 258 -15.10 -8.11 8.52
C GLN A 258 -16.12 -7.02 8.84
N LYS A 259 -15.65 -5.80 9.10
CA LYS A 259 -16.50 -4.70 9.50
C LYS A 259 -16.29 -3.53 8.55
N ALA A 260 -17.18 -2.54 8.62
CA ALA A 260 -17.02 -1.35 7.79
C ALA A 260 -16.30 -0.25 8.56
N GLY A 261 -16.48 -0.21 9.88
CA GLY A 261 -15.93 0.89 10.65
C GLY A 261 -14.46 0.72 11.00
N ASN A 262 -13.98 -0.52 11.05
CA ASN A 262 -12.62 -0.79 11.49
C ASN A 262 -11.92 -1.72 10.52
N VAL A 263 -10.64 -1.98 10.81
CA VAL A 263 -9.79 -2.79 9.95
C VAL A 263 -9.61 -4.17 10.56
N ASN A 264 -10.54 -4.57 11.42
CA ASN A 264 -10.46 -5.86 12.09
C ASN A 264 -10.47 -7.00 11.08
N PHE A 265 -9.65 -8.01 11.32
CA PHE A 265 -9.42 -9.08 10.37
C PHE A 265 -9.26 -10.39 11.13
N GLU A 266 -9.29 -11.49 10.39
CA GLU A 266 -8.90 -12.80 10.87
C GLU A 266 -7.55 -13.15 10.25
N PRO A 267 -6.56 -13.55 11.06
CA PRO A 267 -5.21 -13.74 10.54
C PRO A 267 -5.14 -14.78 9.42
N THR A 268 -4.45 -14.42 8.35
CA THR A 268 -4.42 -15.19 7.12
C THR A 268 -2.99 -15.56 6.77
N GLY A 269 -2.84 -16.68 6.07
CA GLY A 269 -1.53 -17.07 5.58
C GLY A 269 -0.99 -16.08 4.57
N VAL A 270 0.34 -16.08 4.42
CA VAL A 270 0.99 -15.11 3.54
C VAL A 270 0.64 -15.39 2.09
N THR A 271 0.52 -16.65 1.71
CA THR A 271 0.23 -17.02 0.34
C THR A 271 -0.36 -18.41 0.33
N GLU A 272 -0.57 -18.94 -0.88
CA GLU A 272 -0.94 -20.34 -1.00
C GLU A 272 0.29 -21.21 -0.86
N SER A 273 0.16 -22.29 -0.09
CA SER A 273 1.29 -23.19 0.12
C SER A 273 1.49 -24.10 -1.07
N ARG A 274 2.68 -24.70 -1.15
CA ARG A 274 3.00 -25.69 -2.15
C ARG A 274 3.71 -26.86 -1.48
N THR A 275 4.04 -27.87 -2.27
CA THR A 275 4.53 -29.13 -1.72
C THR A 275 5.88 -28.95 -1.03
N ASP A 276 6.89 -28.49 -1.77
CA ASP A 276 8.22 -28.29 -1.23
C ASP A 276 8.86 -27.06 -1.85
N ILE A 277 10.16 -26.88 -1.56
CA ILE A 277 10.84 -25.65 -1.93
C ILE A 277 11.22 -25.66 -3.41
N THR A 278 11.06 -26.80 -4.08
CA THR A 278 11.50 -26.94 -5.45
C THR A 278 10.41 -27.37 -6.41
N THR A 279 9.17 -27.56 -5.94
CA THR A 279 8.10 -28.02 -6.81
C THR A 279 7.75 -26.93 -7.82
N MET A 280 7.77 -27.29 -9.11
CA MET A 280 7.49 -26.31 -10.15
C MET A 280 5.99 -26.20 -10.40
N GLN A 281 5.20 -27.06 -9.77
CA GLN A 281 3.75 -27.03 -9.93
C GLN A 281 3.15 -25.89 -9.13
N THR A 282 3.50 -24.66 -9.50
CA THR A 282 2.98 -23.46 -8.86
C THR A 282 2.51 -22.51 -9.96
N THR A 283 1.27 -22.70 -10.40
CA THR A 283 0.45 -23.79 -9.91
C THR A 283 0.02 -24.70 -11.05
N SER B 10 34.63 6.18 5.66
CA SER B 10 33.94 5.78 4.45
C SER B 10 32.47 6.15 4.50
N ASP B 11 31.64 5.42 3.75
CA ASP B 11 30.21 5.66 3.79
C ASP B 11 29.54 4.82 4.88
N ARG B 12 30.32 3.98 5.57
CA ARG B 12 29.76 3.20 6.66
C ARG B 12 29.77 3.99 7.97
N VAL B 13 30.67 4.95 8.10
CA VAL B 13 30.66 5.84 9.25
C VAL B 13 29.65 6.95 9.03
N ARG B 14 29.17 7.53 10.13
CA ARG B 14 28.19 8.60 10.05
C ARG B 14 27.97 9.17 11.45
N SER B 15 27.69 10.47 11.49
CA SER B 15 27.37 11.14 12.75
C SER B 15 26.17 12.04 12.53
N ILE B 16 25.35 12.18 13.55
CA ILE B 16 24.14 13.00 13.51
C ILE B 16 24.06 13.80 14.79
N THR B 17 24.13 15.12 14.67
CA THR B 17 24.10 16.04 15.80
C THR B 17 22.80 16.82 15.77
N LEU B 18 21.99 16.66 16.82
CA LEU B 18 20.75 17.40 16.98
C LEU B 18 20.66 17.89 18.41
N GLY B 19 20.60 19.21 18.60
CA GLY B 19 20.56 19.76 19.93
C GLY B 19 21.88 19.56 20.64
N ASN B 20 21.82 19.15 21.91
CA ASN B 20 22.99 18.80 22.68
C ASN B 20 23.26 17.30 22.67
N SER B 21 22.90 16.62 21.59
CA SER B 21 23.02 15.17 21.49
C SER B 21 23.71 14.80 20.19
N THR B 22 24.40 13.67 20.19
CA THR B 22 25.12 13.18 19.03
C THR B 22 25.10 11.66 19.00
N ILE B 23 25.00 11.11 17.80
CA ILE B 23 25.05 9.67 17.59
C ILE B 23 26.10 9.38 16.53
N THR B 24 27.09 8.57 16.88
CA THR B 24 28.10 8.11 15.95
C THR B 24 27.82 6.65 15.62
N THR B 25 28.05 6.27 14.37
CA THR B 25 27.95 4.87 13.96
C THR B 25 29.09 4.57 13.00
N GLN B 26 29.82 3.49 13.27
CA GLN B 26 30.94 3.13 12.41
C GLN B 26 30.53 2.09 11.38
N GLU B 27 29.39 1.42 11.61
CA GLU B 27 28.90 0.39 10.73
C GLU B 27 27.42 0.68 10.44
N CYS B 28 27.16 1.54 9.47
CA CYS B 28 25.79 1.77 9.00
C CYS B 28 25.71 1.44 7.53
N ALA B 29 24.53 1.64 6.96
CA ALA B 29 24.28 1.36 5.56
C ALA B 29 24.14 2.69 4.83
N ASN B 30 23.16 3.49 5.27
CA ASN B 30 22.90 4.79 4.68
C ASN B 30 21.79 5.44 5.51
N VAL B 31 21.38 6.66 5.14
CA VAL B 31 20.20 7.26 5.73
C VAL B 31 19.07 7.16 4.71
N VAL B 32 17.93 6.64 5.14
CA VAL B 32 16.71 6.67 4.36
C VAL B 32 15.92 7.91 4.76
N VAL B 33 15.68 8.80 3.81
CA VAL B 33 14.98 10.05 4.05
C VAL B 33 13.57 9.89 3.51
N GLY B 34 12.65 9.43 4.37
CA GLY B 34 11.22 9.44 4.12
C GLY B 34 10.77 9.04 2.73
N TYR B 35 10.16 10.00 2.03
CA TYR B 35 9.87 9.87 0.61
C TYR B 35 10.69 10.87 -0.20
N GLY B 36 11.96 11.04 0.14
CA GLY B 36 12.79 12.06 -0.44
C GLY B 36 12.56 13.46 0.08
N VAL B 37 11.73 13.61 1.10
CA VAL B 37 11.37 14.92 1.64
C VAL B 37 12.05 15.07 3.00
N TRP B 38 12.84 16.13 3.15
CA TRP B 38 13.39 16.47 4.46
C TRP B 38 12.35 17.27 5.26
N PRO B 39 12.24 17.05 6.57
CA PRO B 39 11.25 17.78 7.35
C PRO B 39 11.52 19.28 7.38
N THR B 40 10.45 20.06 7.28
CA THR B 40 10.55 21.51 7.27
C THR B 40 9.47 22.09 8.15
N TYR B 41 9.50 23.41 8.32
CA TYR B 41 8.45 24.11 9.02
C TYR B 41 7.27 24.42 8.10
N LEU B 42 6.09 24.50 8.70
CA LEU B 42 4.89 24.81 7.93
C LEU B 42 4.99 26.23 7.35
N ASN B 43 4.60 26.37 6.09
CA ASN B 43 4.68 27.66 5.42
C ASN B 43 3.40 28.45 5.63
N ASP B 44 3.45 29.73 5.26
CA ASP B 44 2.31 30.61 5.45
C ASP B 44 1.15 30.21 4.55
N ASP B 45 1.44 29.67 3.37
CA ASP B 45 0.37 29.32 2.44
C ASP B 45 -0.18 27.93 2.70
N GLU B 46 0.43 27.19 3.63
CA GLU B 46 -0.11 25.89 4.02
C GLU B 46 -0.76 25.95 5.39
N ALA B 47 -0.47 27.00 6.17
CA ALA B 47 -0.98 27.10 7.52
C ALA B 47 -2.44 27.55 7.51
N THR B 48 -3.16 27.20 8.58
CA THR B 48 -4.53 27.64 8.78
C THR B 48 -4.77 28.17 10.18
N ALA B 49 -3.95 27.78 11.16
CA ALA B 49 -4.03 28.29 12.52
C ALA B 49 -3.32 29.64 12.56
N GLU B 50 -3.92 30.60 13.25
CA GLU B 50 -3.51 31.99 13.06
C GLU B 50 -2.52 32.47 14.11
N ASP B 51 -2.56 31.89 15.32
CA ASP B 51 -1.67 32.36 16.37
C ASP B 51 -0.22 31.99 16.06
N GLN B 52 0.70 32.81 16.53
CA GLN B 52 2.12 32.58 16.29
C GLN B 52 2.55 31.28 16.96
N PRO B 53 3.08 30.32 16.21
CA PRO B 53 3.46 29.04 16.82
C PRO B 53 4.71 29.16 17.68
N THR B 54 4.87 28.19 18.57
CA THR B 54 6.06 28.04 19.38
C THR B 54 7.04 27.15 18.64
N GLN B 55 8.32 27.49 18.69
CA GLN B 55 9.37 26.65 18.14
C GLN B 55 10.51 26.56 19.14
N PRO B 56 10.53 25.55 20.01
CA PRO B 56 11.67 25.42 20.95
C PRO B 56 13.00 25.22 20.27
N ASP B 57 13.06 24.29 19.31
CA ASP B 57 14.11 24.24 18.27
C ASP B 57 15.43 23.67 18.77
N VAL B 58 15.61 23.63 20.10
CA VAL B 58 16.81 23.01 20.65
C VAL B 58 16.43 22.06 21.79
N ALA B 59 15.55 22.54 22.67
CA ALA B 59 15.20 21.76 23.86
C ALA B 59 14.30 20.58 23.50
N THR B 60 13.71 20.61 22.30
CA THR B 60 12.80 19.54 21.91
C THR B 60 13.34 18.77 20.71
N CYS B 61 13.91 19.46 19.73
CA CYS B 61 14.49 18.81 18.56
C CYS B 61 15.87 18.28 18.94
N ARG B 62 15.85 17.12 19.59
CA ARG B 62 17.04 16.47 20.10
C ARG B 62 16.75 14.98 20.21
N PHE B 63 17.78 14.22 20.56
CA PHE B 63 17.63 12.76 20.58
C PHE B 63 17.12 12.29 21.94
N TYR B 64 16.18 11.35 21.90
CA TYR B 64 15.67 10.69 23.09
C TYR B 64 15.80 9.18 22.91
N THR B 65 16.30 8.50 23.92
CA THR B 65 16.49 7.06 23.89
C THR B 65 15.33 6.40 24.63
N LEU B 66 14.66 5.47 23.96
CA LEU B 66 13.56 4.74 24.58
C LEU B 66 14.10 3.58 25.41
N GLU B 67 13.18 2.75 25.88
CA GLU B 67 13.55 1.57 26.66
C GLU B 67 13.99 0.44 25.74
N SER B 68 15.11 -0.19 26.07
CA SER B 68 15.65 -1.21 25.21
C SER B 68 14.92 -2.54 25.40
N VAL B 69 14.90 -3.33 24.34
CA VAL B 69 14.38 -4.69 24.38
C VAL B 69 15.55 -5.65 24.17
N MET B 70 15.29 -6.93 24.38
CA MET B 70 16.32 -7.96 24.25
C MET B 70 15.95 -8.89 23.11
N TRP B 71 16.72 -8.88 22.04
CA TRP B 71 16.49 -9.78 20.93
C TRP B 71 16.77 -11.21 21.36
N GLN B 72 15.77 -12.08 21.19
CA GLN B 72 15.89 -13.48 21.52
C GLN B 72 15.61 -14.30 20.27
N GLN B 73 15.90 -15.60 20.36
CA GLN B 73 15.80 -16.45 19.18
C GLN B 73 14.35 -16.67 18.75
N SER B 74 13.40 -16.36 19.63
CA SER B 74 11.98 -16.53 19.32
C SER B 74 11.22 -15.23 19.49
N SER B 75 11.86 -14.10 19.21
CA SER B 75 11.20 -12.80 19.28
C SER B 75 10.51 -12.50 17.97
N PRO B 76 9.18 -12.38 17.94
CA PRO B 76 8.51 -12.05 16.68
C PRO B 76 8.75 -10.62 16.24
N GLY B 77 8.85 -9.69 17.16
CA GLY B 77 9.06 -8.29 16.80
C GLY B 77 8.39 -7.38 17.81
N TRP B 78 8.59 -6.08 17.59
CA TRP B 78 8.14 -5.04 18.49
C TRP B 78 7.55 -3.90 17.67
N TRP B 79 6.87 -2.98 18.35
CA TRP B 79 6.42 -1.76 17.68
C TRP B 79 6.23 -0.65 18.69
N TRP B 80 6.49 0.57 18.23
CA TRP B 80 6.25 1.78 19.00
C TRP B 80 5.29 2.67 18.23
N LYS B 81 4.50 3.45 18.95
CA LYS B 81 3.68 4.50 18.37
C LYS B 81 4.31 5.84 18.70
N PHE B 82 4.28 6.77 17.76
CA PHE B 82 4.82 8.11 17.91
C PHE B 82 3.76 9.14 17.57
N PRO B 83 3.72 10.28 18.26
CA PRO B 83 4.69 10.71 19.27
C PRO B 83 4.31 10.26 20.67
N ASP B 84 3.45 9.25 20.77
CA ASP B 84 3.07 8.73 22.08
C ASP B 84 4.27 8.17 22.84
N ALA B 85 5.26 7.67 22.11
CA ALA B 85 6.47 7.16 22.76
C ALA B 85 7.28 8.30 23.37
N LEU B 86 7.17 9.50 22.80
CA LEU B 86 7.88 10.67 23.29
C LEU B 86 7.01 11.57 24.14
N SER B 87 5.83 11.09 24.57
CA SER B 87 4.89 11.97 25.24
C SER B 87 5.35 12.34 26.65
N ASN B 88 6.32 11.59 27.18
CA ASN B 88 6.90 11.88 28.49
C ASN B 88 8.39 12.15 28.43
N MET B 89 8.93 12.49 27.27
CA MET B 89 10.37 12.65 27.08
C MET B 89 10.72 14.13 27.12
N GLY B 90 11.13 14.62 28.29
CA GLY B 90 11.69 15.96 28.40
C GLY B 90 10.72 17.06 28.04
N LEU B 91 11.24 18.10 27.40
CA LEU B 91 10.42 19.25 27.06
C LEU B 91 9.57 18.99 25.83
N PHE B 92 9.90 17.96 25.06
CA PHE B 92 9.06 17.60 23.92
C PHE B 92 7.70 17.11 24.39
N GLY B 93 7.68 16.30 25.45
CA GLY B 93 6.42 15.90 26.05
C GLY B 93 5.70 17.06 26.71
N GLN B 94 6.45 18.01 27.25
CA GLN B 94 5.84 19.14 27.93
C GLN B 94 5.06 20.02 26.95
N ASN B 95 5.69 20.39 25.83
CA ASN B 95 5.02 21.21 24.84
C ASN B 95 3.80 20.49 24.26
N MET B 96 3.83 19.16 24.25
CA MET B 96 2.69 18.40 23.76
C MET B 96 1.48 18.55 24.68
N GLN B 97 1.72 18.69 25.98
CA GLN B 97 0.63 18.74 26.94
C GLN B 97 -0.05 20.10 26.95
N TYR B 98 0.74 21.16 26.78
CA TYR B 98 0.20 22.51 26.93
C TYR B 98 -0.37 23.04 25.62
N HIS B 99 -0.24 22.27 24.54
CA HIS B 99 -0.64 22.75 23.23
C HIS B 99 -1.72 21.88 22.62
N TYR B 100 -2.62 22.52 21.88
CA TYR B 100 -3.68 21.79 21.20
C TYR B 100 -3.16 21.14 19.92
N LEU B 101 -2.33 21.85 19.17
CA LEU B 101 -1.82 21.38 17.88
C LEU B 101 -0.30 21.22 17.94
N GLY B 102 0.22 20.36 17.07
CA GLY B 102 1.64 20.12 17.01
C GLY B 102 2.07 19.60 15.64
N ARG B 103 3.37 19.56 15.40
CA ARG B 103 3.92 19.21 14.10
C ARG B 103 5.41 18.93 14.23
N ALA B 104 5.85 17.77 13.75
CA ALA B 104 7.26 17.43 13.81
C ALA B 104 7.60 16.37 12.77
N GLY B 105 8.86 16.32 12.41
CA GLY B 105 9.44 15.19 11.72
C GLY B 105 10.41 14.48 12.64
N TYR B 106 10.84 13.28 12.27
CA TYR B 106 11.62 12.45 13.17
C TYR B 106 12.82 11.85 12.46
N THR B 107 13.96 11.88 13.13
CA THR B 107 15.09 11.02 12.82
C THR B 107 14.99 9.82 13.74
N VAL B 108 14.97 8.62 13.17
CA VAL B 108 14.86 7.38 13.92
C VAL B 108 16.17 6.62 13.76
N HIS B 109 16.75 6.20 14.88
CA HIS B 109 18.00 5.46 14.86
C HIS B 109 17.83 4.20 15.70
N VAL B 110 17.76 3.06 15.03
CA VAL B 110 17.70 1.75 15.68
C VAL B 110 19.10 1.17 15.67
N GLN B 111 19.54 0.66 16.81
CA GLN B 111 20.92 0.22 16.99
C GLN B 111 20.95 -1.15 17.65
N CYS B 112 21.61 -2.10 16.98
CA CYS B 112 21.80 -3.46 17.47
C CYS B 112 23.15 -3.95 16.98
N ASN B 113 24.05 -4.28 17.91
CA ASN B 113 25.36 -4.77 17.56
C ASN B 113 25.49 -6.24 17.96
N ALA B 114 26.31 -6.96 17.21
CA ALA B 114 26.55 -8.39 17.43
C ALA B 114 28.05 -8.65 17.40
N SER B 115 28.41 -9.93 17.33
CA SER B 115 29.79 -10.37 17.52
C SER B 115 30.46 -10.86 16.26
N LYS B 116 29.83 -10.73 15.10
CA LYS B 116 30.39 -11.17 13.82
C LYS B 116 30.35 -12.70 13.66
N PHE B 117 29.98 -13.40 14.72
CA PHE B 117 29.57 -14.78 14.65
C PHE B 117 28.07 -14.92 14.82
N HIS B 118 27.38 -13.84 15.14
CA HIS B 118 25.94 -13.79 15.27
C HIS B 118 25.30 -13.60 13.89
N GLN B 119 24.07 -14.04 13.75
CA GLN B 119 23.33 -13.88 12.51
C GLN B 119 21.88 -13.54 12.82
N GLY B 120 21.23 -12.95 11.84
CA GLY B 120 19.86 -12.50 11.97
C GLY B 120 19.66 -11.18 11.24
N CYS B 121 18.46 -11.00 10.70
CA CYS B 121 18.11 -9.80 9.93
C CYS B 121 16.83 -9.20 10.48
N LEU B 122 16.88 -7.92 10.84
CA LEU B 122 15.73 -7.18 11.33
C LEU B 122 15.24 -6.22 10.25
N LEU B 123 13.93 -6.17 10.08
CA LEU B 123 13.29 -5.15 9.25
C LEU B 123 12.91 -3.98 10.14
N VAL B 124 13.34 -2.78 9.78
CA VAL B 124 13.04 -1.56 10.51
C VAL B 124 12.27 -0.65 9.56
N VAL B 125 11.01 -0.40 9.88
CA VAL B 125 10.12 0.32 8.98
C VAL B 125 9.27 1.29 9.80
N CYS B 126 8.91 2.41 9.18
CA CYS B 126 8.03 3.40 9.76
C CYS B 126 6.74 3.43 8.95
N VAL B 127 5.64 3.00 9.56
CA VAL B 127 4.37 2.83 8.87
C VAL B 127 3.49 4.04 9.19
N PRO B 128 3.18 4.89 8.22
CA PRO B 128 2.27 6.02 8.48
C PRO B 128 0.82 5.54 8.57
N GLU B 129 0.10 6.08 9.56
CA GLU B 129 -1.31 5.78 9.78
C GLU B 129 -1.54 4.28 9.98
N ALA B 130 -0.78 3.69 10.90
CA ALA B 130 -0.82 2.24 11.12
C ALA B 130 -1.97 1.91 12.06
N GLU B 131 -3.17 1.82 11.50
CA GLU B 131 -4.34 1.42 12.26
C GLU B 131 -4.36 -0.09 12.46
N MET B 132 -4.53 -0.53 13.71
CA MET B 132 -4.34 -1.92 14.08
C MET B 132 -5.67 -2.54 14.50
N GLY B 133 -5.82 -3.83 14.24
CA GLY B 133 -7.09 -4.49 14.51
C GLY B 133 -7.09 -5.20 15.86
N CYS B 134 -8.28 -5.45 16.37
CA CYS B 134 -8.43 -6.10 17.66
C CYS B 134 -8.56 -7.61 17.49
N ALA B 135 -8.24 -8.34 18.56
CA ALA B 135 -8.31 -9.80 18.50
C ALA B 135 -9.75 -10.28 18.45
N THR B 136 -10.67 -9.55 19.06
CA THR B 136 -12.09 -9.82 18.96
C THR B 136 -12.69 -8.92 17.88
N LEU B 137 -13.32 -9.54 16.88
CA LEU B 137 -13.73 -8.80 15.69
C LEU B 137 -14.77 -7.75 16.00
N ALA B 138 -15.59 -7.96 17.03
CA ALA B 138 -16.65 -7.01 17.35
C ALA B 138 -16.13 -5.83 18.15
N ASN B 139 -15.06 -6.03 18.91
CA ASN B 139 -14.59 -5.02 19.84
C ASN B 139 -13.57 -4.11 19.18
N LYS B 140 -12.95 -3.25 19.99
CA LYS B 140 -11.87 -2.37 19.55
C LYS B 140 -10.71 -2.53 20.51
N PRO B 141 -9.46 -2.40 20.05
CA PRO B 141 -8.32 -2.52 20.95
C PRO B 141 -8.30 -1.37 21.96
N ASP B 142 -8.02 -1.71 23.22
CA ASP B 142 -7.97 -0.69 24.24
C ASP B 142 -6.70 0.15 24.08
N GLN B 143 -6.62 1.22 24.88
CA GLN B 143 -5.59 2.23 24.68
C GLN B 143 -4.19 1.69 24.91
N LYS B 144 -4.04 0.77 25.86
CA LYS B 144 -2.70 0.32 26.23
C LYS B 144 -2.15 -0.69 25.22
N SER B 145 -3.02 -1.50 24.63
CA SER B 145 -2.55 -2.48 23.65
C SER B 145 -1.99 -1.81 22.42
N LEU B 146 -2.50 -0.62 22.07
CA LEU B 146 -2.03 0.06 20.88
C LEU B 146 -0.66 0.69 21.10
N SER B 147 -0.49 1.41 22.20
CA SER B 147 0.76 2.11 22.44
C SER B 147 1.02 2.18 23.94
N ASN B 148 2.09 1.52 24.38
CA ASN B 148 2.53 1.54 25.76
C ASN B 148 3.44 2.74 26.05
N GLY B 149 3.51 3.69 25.13
CA GLY B 149 4.37 4.84 25.34
C GLY B 149 5.81 4.50 25.06
N GLU B 150 6.65 4.67 26.09
CA GLU B 150 8.09 4.46 25.92
C GLU B 150 8.44 2.99 25.85
N THR B 151 7.50 2.11 26.20
CA THR B 151 7.76 0.69 26.19
C THR B 151 7.23 0.06 24.91
N ALA B 152 7.95 -0.95 24.41
CA ALA B 152 7.57 -1.60 23.18
C ALA B 152 6.43 -2.58 23.40
N ASN B 153 5.51 -2.63 22.44
CA ASN B 153 4.49 -3.66 22.37
C ASN B 153 5.02 -4.77 21.47
N MET B 154 4.90 -6.00 21.90
CA MET B 154 5.52 -7.14 21.22
C MET B 154 4.53 -7.79 20.26
N PHE B 155 5.01 -8.10 19.06
CA PHE B 155 4.28 -8.97 18.16
C PHE B 155 4.28 -10.40 18.70
N GLU B 156 3.31 -11.18 18.27
CA GLU B 156 3.21 -12.59 18.62
C GLU B 156 3.47 -13.43 17.39
N SER B 157 3.90 -14.68 17.59
CA SER B 157 4.06 -15.62 16.49
C SER B 157 2.92 -16.63 16.52
N GLN B 158 1.74 -16.17 16.93
CA GLN B 158 0.54 -16.99 16.96
C GLN B 158 -0.64 -16.04 17.16
N ASN B 159 -1.84 -16.56 16.91
CA ASN B 159 -3.04 -15.73 16.98
C ASN B 159 -3.25 -15.20 18.39
N SER B 160 -3.62 -13.93 18.49
CA SER B 160 -3.82 -13.30 19.79
C SER B 160 -5.25 -13.54 20.28
N THR B 161 -5.42 -13.43 21.59
CA THR B 161 -6.72 -13.56 22.23
C THR B 161 -6.90 -12.42 23.21
N GLY B 162 -8.15 -12.04 23.43
CA GLY B 162 -8.44 -10.96 24.34
C GLY B 162 -9.51 -10.04 23.79
N GLN B 163 -10.40 -9.58 24.68
CA GLN B 163 -11.50 -8.72 24.27
C GLN B 163 -10.98 -7.38 23.77
N THR B 164 -9.97 -6.83 24.44
CA THR B 164 -9.43 -5.54 24.04
C THR B 164 -8.05 -5.68 23.42
N ALA B 165 -7.57 -6.92 23.27
CA ALA B 165 -6.22 -7.14 22.77
C ALA B 165 -6.09 -6.73 21.32
N VAL B 166 -4.85 -6.46 20.91
CA VAL B 166 -4.55 -6.24 19.49
C VAL B 166 -4.21 -7.58 18.83
N GLN B 167 -4.66 -7.73 17.59
CA GLN B 167 -4.31 -8.92 16.80
C GLN B 167 -2.84 -8.76 16.40
N ALA B 168 -1.94 -9.26 17.24
CA ALA B 168 -0.52 -9.02 17.08
C ALA B 168 0.22 -10.17 16.41
N ASN B 169 -0.50 -11.08 15.74
CA ASN B 169 0.16 -12.06 14.90
C ASN B 169 1.01 -11.34 13.86
N VAL B 170 2.30 -11.70 13.82
CA VAL B 170 3.26 -10.88 13.09
C VAL B 170 3.10 -11.04 11.59
N ILE B 171 2.48 -12.13 11.14
CA ILE B 171 2.36 -12.42 9.72
C ILE B 171 1.50 -11.39 9.01
N ASN B 172 0.65 -10.69 9.77
CA ASN B 172 -0.16 -9.63 9.18
C ASN B 172 0.22 -8.26 9.70
N ALA B 173 1.15 -8.22 10.67
CA ALA B 173 1.69 -6.99 11.25
C ALA B 173 0.63 -6.16 11.95
N GLY B 174 -0.41 -6.77 12.50
CA GLY B 174 -1.45 -6.04 13.19
C GLY B 174 -2.38 -5.23 12.31
N MET B 175 -2.13 -5.17 11.00
CA MET B 175 -2.89 -4.32 10.10
C MET B 175 -3.72 -5.09 9.09
N GLY B 176 -3.51 -6.40 8.97
CA GLY B 176 -4.24 -7.18 7.98
C GLY B 176 -3.62 -7.16 6.61
N VAL B 177 -2.29 -7.04 6.53
CA VAL B 177 -1.57 -7.01 5.27
C VAL B 177 -0.53 -8.12 5.28
N GLY B 178 0.21 -8.23 4.19
CA GLY B 178 1.35 -9.12 4.14
C GLY B 178 2.58 -8.48 4.73
N VAL B 179 3.21 -9.14 5.71
CA VAL B 179 4.33 -8.53 6.42
C VAL B 179 5.51 -8.34 5.49
N GLY B 180 5.62 -9.16 4.44
CA GLY B 180 6.70 -8.99 3.49
C GLY B 180 6.49 -7.81 2.57
N ASN B 181 5.27 -7.30 2.51
CA ASN B 181 4.94 -6.14 1.68
C ASN B 181 5.12 -4.82 2.41
N LEU B 182 5.63 -4.84 3.64
CA LEU B 182 5.80 -3.61 4.40
C LEU B 182 6.93 -2.74 3.86
N THR B 183 7.72 -3.24 2.91
CA THR B 183 8.80 -2.48 2.31
C THR B 183 8.32 -1.37 1.37
N ILE B 184 7.01 -1.17 1.25
CA ILE B 184 6.48 -0.04 0.51
C ILE B 184 6.65 1.25 1.30
N PHE B 185 6.71 1.14 2.62
CA PHE B 185 6.97 2.30 3.46
C PHE B 185 8.47 2.53 3.58
N PRO B 186 8.88 3.70 4.06
CA PRO B 186 10.31 3.93 4.31
C PRO B 186 10.85 2.96 5.35
N HIS B 187 11.83 2.17 4.95
CA HIS B 187 12.27 1.04 5.75
C HIS B 187 13.79 0.93 5.64
N GLN B 188 14.36 0.00 6.42
CA GLN B 188 15.76 -0.36 6.31
C GLN B 188 15.91 -1.75 6.92
N TRP B 189 17.12 -2.29 6.82
CA TRP B 189 17.41 -3.61 7.35
C TRP B 189 18.65 -3.52 8.23
N ILE B 190 18.59 -4.14 9.40
CA ILE B 190 19.78 -4.40 10.20
C ILE B 190 20.13 -5.86 9.98
N ASN B 191 21.17 -6.11 9.21
CA ASN B 191 21.69 -7.45 8.95
C ASN B 191 23.01 -7.54 9.70
N LEU B 192 23.06 -8.44 10.68
CA LEU B 192 24.14 -8.48 11.66
C LEU B 192 25.52 -8.67 11.03
N ARG B 193 25.58 -9.25 9.84
CA ARG B 193 26.85 -9.42 9.16
C ARG B 193 27.29 -8.14 8.45
N THR B 194 26.35 -7.21 8.25
CA THR B 194 26.58 -6.02 7.44
C THR B 194 26.65 -4.74 8.26
N ASN B 195 25.65 -4.48 9.10
CA ASN B 195 25.55 -3.21 9.80
C ASN B 195 24.86 -3.43 11.14
N ASN B 196 25.18 -2.56 12.10
CA ASN B 196 24.62 -2.66 13.43
C ASN B 196 23.57 -1.59 13.71
N SER B 197 23.20 -0.79 12.72
CA SER B 197 22.23 0.27 12.96
C SER B 197 21.48 0.57 11.68
N ALA B 198 20.32 1.21 11.85
CA ALA B 198 19.50 1.67 10.75
C ALA B 198 18.90 3.01 11.13
N THR B 199 18.90 3.97 10.20
CA THR B 199 18.40 5.31 10.47
C THR B 199 17.45 5.76 9.37
N ILE B 200 16.31 6.33 9.77
CA ILE B 200 15.29 6.81 8.85
C ILE B 200 14.90 8.22 9.28
N VAL B 201 14.86 9.14 8.33
CA VAL B 201 14.40 10.51 8.56
C VAL B 201 12.97 10.60 8.04
N MET B 202 12.02 10.83 8.94
CA MET B 202 10.61 10.86 8.60
C MET B 202 10.08 12.28 8.59
N PRO B 203 9.54 12.77 7.48
CA PRO B 203 8.88 14.07 7.49
C PRO B 203 7.50 13.98 8.12
N TYR B 204 6.85 15.12 8.30
CA TYR B 204 5.49 15.11 8.84
C TYR B 204 4.50 14.74 7.73
N ILE B 205 3.78 13.65 7.94
CA ILE B 205 2.82 13.13 6.96
C ILE B 205 1.46 13.08 7.62
N ASN B 206 0.47 13.70 6.98
CA ASN B 206 -0.86 13.83 7.54
C ASN B 206 -1.74 14.50 6.49
N SER B 207 -3.05 14.39 6.69
CA SER B 207 -3.99 15.07 5.81
C SER B 207 -4.31 16.48 6.26
N VAL B 208 -3.69 16.95 7.35
CA VAL B 208 -3.89 18.32 7.83
C VAL B 208 -2.52 18.91 8.16
N PRO B 209 -2.37 20.24 8.13
CA PRO B 209 -1.04 20.82 8.39
C PRO B 209 -0.53 20.58 9.80
N MET B 210 -1.42 20.51 10.78
CA MET B 210 -1.05 20.19 12.16
C MET B 210 -2.15 19.33 12.75
N ASP B 211 -1.80 18.58 13.80
CA ASP B 211 -2.76 17.70 14.45
C ASP B 211 -2.51 17.66 15.95
N ASN B 212 -3.50 17.13 16.67
CA ASN B 212 -3.35 16.91 18.11
C ASN B 212 -2.44 15.72 18.34
N MET B 213 -1.40 15.93 19.16
CA MET B 213 -0.37 14.91 19.29
C MET B 213 -0.76 13.82 20.29
N PHE B 214 -1.94 13.94 20.90
CA PHE B 214 -2.31 12.98 21.94
C PHE B 214 -3.40 12.02 21.47
N ARG B 215 -4.16 12.41 20.44
CA ARG B 215 -5.21 11.51 19.96
C ARG B 215 -4.91 11.00 18.56
N HIS B 216 -3.69 11.21 18.07
CA HIS B 216 -3.27 10.79 16.74
C HIS B 216 -1.76 10.54 16.75
N ASN B 217 -1.30 9.66 15.85
CA ASN B 217 0.13 9.35 15.92
C ASN B 217 1.00 10.13 14.94
N ASN B 218 0.93 9.96 13.62
CA ASN B 218 0.20 8.94 12.90
C ASN B 218 1.15 8.05 12.09
N PHE B 219 2.28 7.65 12.70
CA PHE B 219 3.12 6.61 12.14
C PHE B 219 3.60 5.70 13.26
N THR B 220 3.86 4.45 12.92
CA THR B 220 4.32 3.43 13.85
C THR B 220 5.71 2.97 13.43
N LEU B 221 6.52 2.58 14.40
CA LEU B 221 7.82 1.99 14.13
C LEU B 221 7.77 0.51 14.45
N MET B 222 8.05 -0.32 13.46
CA MET B 222 8.04 -1.77 13.61
C MET B 222 9.45 -2.30 13.43
N ILE B 223 9.80 -3.29 14.24
CA ILE B 223 11.09 -3.96 14.15
C ILE B 223 10.79 -5.45 14.15
N ILE B 224 10.92 -6.08 12.98
CA ILE B 224 10.49 -7.46 12.76
C ILE B 224 11.71 -8.26 12.32
N PRO B 225 12.13 -9.26 13.08
CA PRO B 225 13.21 -10.14 12.59
C PRO B 225 12.73 -11.11 11.53
N PHE B 226 13.20 -10.93 10.29
CA PHE B 226 12.84 -11.87 9.23
C PHE B 226 13.75 -13.09 9.25
N ALA B 227 15.01 -12.89 9.60
CA ALA B 227 15.92 -13.99 9.88
C ALA B 227 16.18 -14.04 11.37
N PRO B 228 15.92 -15.17 12.05
CA PRO B 228 15.99 -15.17 13.51
C PRO B 228 17.42 -15.02 14.01
N LEU B 229 17.53 -14.59 15.27
CA LEU B 229 18.83 -14.48 15.90
C LEU B 229 19.42 -15.87 16.12
N SER B 230 20.73 -16.00 15.89
CA SER B 230 21.37 -17.30 15.94
C SER B 230 22.85 -17.14 16.29
N TYR B 231 23.35 -18.12 17.02
CA TYR B 231 24.75 -18.12 17.46
C TYR B 231 25.06 -19.50 18.01
N SER B 232 26.34 -19.83 18.07
CA SER B 232 26.77 -21.08 18.67
C SER B 232 26.99 -20.90 20.16
N THR B 233 26.89 -22.01 20.90
CA THR B 233 27.00 -21.97 22.35
C THR B 233 28.37 -21.45 22.77
N GLY B 234 28.37 -20.61 23.80
CA GLY B 234 29.57 -19.95 24.25
C GLY B 234 29.67 -18.49 23.85
N ALA B 235 28.80 -18.03 22.96
CA ALA B 235 28.74 -16.64 22.55
C ALA B 235 27.77 -15.87 23.44
N THR B 236 27.86 -14.55 23.37
CA THR B 236 26.94 -13.70 24.12
C THR B 236 25.52 -13.94 23.65
N THR B 237 24.60 -14.11 24.60
CA THR B 237 23.21 -14.40 24.29
C THR B 237 22.28 -13.22 24.55
N TYR B 238 22.80 -12.10 25.03
CA TYR B 238 22.01 -10.92 25.35
C TYR B 238 22.30 -9.86 24.27
N VAL B 239 21.41 -9.78 23.29
CA VAL B 239 21.55 -8.85 22.17
C VAL B 239 20.40 -7.85 22.25
N PRO B 240 20.62 -6.66 22.82
CA PRO B 240 19.53 -5.68 22.93
C PRO B 240 19.40 -4.79 21.71
N ILE B 241 18.22 -4.21 21.51
CA ILE B 241 17.96 -3.26 20.44
C ILE B 241 17.53 -1.95 21.08
N THR B 242 18.32 -0.89 20.88
CA THR B 242 18.03 0.42 21.43
C THR B 242 17.47 1.31 20.33
N VAL B 243 16.48 2.13 20.68
CA VAL B 243 15.81 3.03 19.75
C VAL B 243 16.01 4.46 20.22
N THR B 244 16.50 5.32 19.33
CA THR B 244 16.80 6.71 19.63
C THR B 244 16.14 7.60 18.57
N VAL B 245 15.10 8.32 18.97
CA VAL B 245 14.32 9.15 18.05
C VAL B 245 14.58 10.60 18.39
N ALA B 246 14.55 11.47 17.37
CA ALA B 246 14.69 12.91 17.56
C ALA B 246 13.65 13.64 16.72
N PRO B 247 12.75 14.41 17.33
CA PRO B 247 11.86 15.26 16.53
C PRO B 247 12.64 16.35 15.82
N MET B 248 12.26 16.63 14.58
CA MET B 248 12.87 17.66 13.77
C MET B 248 11.85 18.72 13.44
N CYS B 249 12.24 19.99 13.55
CA CYS B 249 11.39 21.13 13.19
C CYS B 249 10.06 21.09 13.92
N ALA B 250 10.10 20.81 15.21
CA ALA B 250 8.88 20.74 16.01
C ALA B 250 8.34 22.13 16.30
N GLU B 251 7.07 22.34 15.97
CA GLU B 251 6.39 23.59 16.28
C GLU B 251 5.04 23.26 16.90
N TYR B 252 4.48 24.23 17.62
CA TYR B 252 3.27 24.00 18.40
C TYR B 252 2.35 25.20 18.30
N ASN B 253 1.06 24.92 18.26
CA ASN B 253 0.03 25.95 18.26
C ASN B 253 -1.03 25.59 19.29
N GLY B 254 -1.76 26.61 19.75
CA GLY B 254 -2.87 26.40 20.65
C GLY B 254 -2.49 26.17 22.10
N LEU B 255 -1.85 27.16 22.71
CA LEU B 255 -1.45 27.05 24.11
C LEU B 255 -2.65 27.21 25.03
N ARG B 256 -2.70 26.37 26.06
CA ARG B 256 -3.73 26.43 27.10
C ARG B 256 -3.25 25.58 28.26
N LEU B 257 -4.15 25.32 29.21
CA LEU B 257 -3.79 24.50 30.37
C LEU B 257 -3.31 23.12 29.93
N ALA B 258 -2.59 22.42 30.81
CA ALA B 258 -1.91 21.19 30.42
C ALA B 258 -2.85 20.00 30.40
N GLY B 259 -2.61 19.10 29.44
CA GLY B 259 -3.42 17.92 29.22
C GLY B 259 -3.27 17.42 27.80
N LYS B 260 -3.22 16.11 27.59
CA LYS B 260 -3.33 15.13 28.67
C LYS B 260 -1.96 14.80 29.25
N GLY C 1 -36.30 22.67 -32.76
CA GLY C 1 -34.89 22.82 -32.47
C GLY C 1 -33.99 22.16 -33.49
N LEU C 2 -32.73 21.96 -33.12
CA LEU C 2 -31.79 21.33 -34.03
C LEU C 2 -32.19 19.88 -34.30
N PRO C 3 -32.44 19.51 -35.55
CA PRO C 3 -32.77 18.11 -35.85
C PRO C 3 -31.62 17.18 -35.53
N THR C 4 -31.91 16.15 -34.74
CA THR C 4 -30.91 15.20 -34.27
C THR C 4 -31.47 13.79 -34.32
N MET C 5 -30.58 12.82 -34.49
CA MET C 5 -30.94 11.41 -34.57
C MET C 5 -30.24 10.64 -33.46
N LEU C 6 -31.02 9.85 -32.72
CA LEU C 6 -30.46 9.03 -31.66
C LEU C 6 -29.84 7.76 -32.24
N THR C 7 -28.66 7.43 -31.74
CA THR C 7 -27.87 6.31 -32.23
C THR C 7 -27.76 5.26 -31.13
N PRO C 8 -27.36 4.04 -31.48
CA PRO C 8 -27.25 2.98 -30.46
C PRO C 8 -26.28 3.35 -29.35
N GLY C 9 -26.65 2.98 -28.13
CA GLY C 9 -25.91 3.36 -26.96
C GLY C 9 -26.56 4.48 -26.16
N SER C 10 -27.70 4.98 -26.61
CA SER C 10 -28.38 6.05 -25.88
C SER C 10 -29.05 5.48 -24.64
N ASN C 11 -28.94 6.22 -23.53
CA ASN C 11 -29.57 5.85 -22.27
C ASN C 11 -28.95 4.59 -21.66
N GLN C 12 -27.69 4.32 -21.99
CA GLN C 12 -26.98 3.17 -21.47
C GLN C 12 -25.98 3.63 -20.41
N PHE C 13 -25.77 2.80 -19.40
CA PHE C 13 -24.80 3.07 -18.35
C PHE C 13 -23.62 2.12 -18.52
N LEU C 14 -22.55 2.64 -19.15
CA LEU C 14 -21.29 1.92 -19.28
C LEU C 14 -20.36 2.42 -18.18
N THR C 15 -19.91 1.50 -17.33
CA THR C 15 -19.20 1.90 -16.11
C THR C 15 -17.83 2.50 -16.37
N SER C 16 -17.34 2.47 -17.61
CA SER C 16 -16.05 3.05 -17.94
C SER C 16 -16.16 4.18 -18.96
N ASP C 17 -17.16 5.06 -18.80
CA ASP C 17 -17.37 6.14 -19.75
C ASP C 17 -16.85 7.46 -19.19
N ASP C 18 -16.47 8.35 -20.10
CA ASP C 18 -15.97 9.69 -19.75
C ASP C 18 -16.96 10.73 -20.25
N PHE C 19 -17.85 11.17 -19.39
CA PHE C 19 -18.77 12.23 -19.74
C PHE C 19 -18.77 13.29 -18.65
N GLN C 20 -19.33 14.44 -18.97
CA GLN C 20 -19.52 15.50 -18.00
C GLN C 20 -20.93 15.45 -17.44
N SER C 21 -21.07 15.70 -16.15
CA SER C 21 -22.34 15.67 -15.45
C SER C 21 -22.48 16.91 -14.59
N PRO C 22 -23.69 17.29 -14.24
CA PRO C 22 -23.87 18.48 -13.40
C PRO C 22 -23.46 18.20 -11.96
N SER C 23 -22.96 19.25 -11.31
CA SER C 23 -22.54 19.17 -9.92
C SER C 23 -23.73 19.40 -9.01
N ALA C 24 -23.94 18.48 -8.07
CA ALA C 24 -25.05 18.63 -7.13
C ALA C 24 -24.76 19.75 -6.12
N MET C 25 -23.51 20.15 -5.98
CA MET C 25 -23.14 21.25 -5.10
C MET C 25 -22.48 22.36 -5.91
N PRO C 26 -23.25 23.26 -6.50
CA PRO C 26 -22.67 24.32 -7.32
C PRO C 26 -21.88 25.32 -6.49
N GLN C 27 -20.75 25.76 -7.05
CA GLN C 27 -19.89 26.80 -6.48
C GLN C 27 -19.20 26.38 -5.20
N PHE C 28 -19.15 25.08 -4.91
CA PHE C 28 -18.48 24.61 -3.71
C PHE C 28 -16.98 24.94 -3.77
N ASP C 29 -16.44 25.41 -2.64
CA ASP C 29 -15.06 25.84 -2.54
C ASP C 29 -14.26 24.77 -1.82
N VAL C 30 -13.51 23.96 -2.57
CA VAL C 30 -12.81 22.83 -1.99
C VAL C 30 -11.66 23.32 -1.11
N THR C 31 -11.23 22.44 -0.20
CA THR C 31 -10.11 22.77 0.66
C THR C 31 -8.85 22.98 -0.17
N PRO C 32 -7.98 23.90 0.22
CA PRO C 32 -6.74 24.12 -0.54
C PRO C 32 -5.85 22.88 -0.51
N GLU C 33 -5.26 22.57 -1.66
CA GLU C 33 -4.39 21.41 -1.74
C GLU C 33 -3.13 21.62 -0.91
N MET C 34 -2.61 20.53 -0.38
CA MET C 34 -1.42 20.56 0.45
C MET C 34 -0.35 19.67 -0.15
N ASP C 35 0.90 20.03 0.10
CA ASP C 35 2.03 19.23 -0.34
C ASP C 35 2.24 18.09 0.65
N ILE C 36 1.67 16.93 0.35
CA ILE C 36 1.84 15.75 1.19
C ILE C 36 2.99 14.92 0.61
N PRO C 37 3.82 14.29 1.43
CA PRO C 37 4.89 13.44 0.90
C PRO C 37 4.33 12.12 0.38
N GLY C 38 5.00 11.60 -0.64
CA GLY C 38 4.64 10.29 -1.18
C GLY C 38 3.46 10.29 -2.12
N GLN C 39 3.46 11.16 -3.12
CA GLN C 39 2.39 11.14 -4.11
C GLN C 39 2.68 10.09 -5.16
N VAL C 40 1.64 9.36 -5.56
CA VAL C 40 1.75 8.28 -6.52
C VAL C 40 0.94 8.65 -7.75
N ASN C 41 1.59 8.61 -8.91
CA ASN C 41 0.92 8.91 -10.17
C ASN C 41 0.67 7.69 -11.03
N ASN C 42 1.44 6.62 -10.81
CA ASN C 42 1.33 5.40 -11.58
C ASN C 42 1.45 4.21 -10.64
N LEU C 43 0.71 3.14 -10.95
CA LEU C 43 0.82 1.93 -10.13
C LEU C 43 2.13 1.21 -10.38
N MET C 44 2.80 1.49 -11.50
CA MET C 44 4.08 0.86 -11.78
C MET C 44 5.18 1.37 -10.86
N GLU C 45 4.96 2.49 -10.19
CA GLU C 45 5.91 2.96 -9.20
C GLU C 45 5.86 2.12 -7.93
N ILE C 46 4.75 1.38 -7.75
CA ILE C 46 4.63 0.50 -6.60
C ILE C 46 5.23 -0.88 -6.91
N ALA C 47 5.00 -1.37 -8.13
CA ALA C 47 5.57 -2.65 -8.54
C ALA C 47 7.08 -2.61 -8.65
N GLU C 48 7.67 -1.43 -8.86
CA GLU C 48 9.11 -1.29 -8.97
C GLU C 48 9.81 -1.24 -7.63
N VAL C 49 9.09 -1.48 -6.54
CA VAL C 49 9.66 -1.48 -5.19
C VAL C 49 9.88 -2.93 -4.76
N ASP C 50 10.99 -3.18 -4.08
CA ASP C 50 11.30 -4.52 -3.59
C ASP C 50 10.28 -4.98 -2.57
N SER C 51 9.96 -6.27 -2.61
CA SER C 51 9.11 -6.89 -1.61
C SER C 51 9.58 -8.31 -1.40
N VAL C 52 9.51 -8.79 -0.15
CA VAL C 52 10.03 -10.11 0.16
C VAL C 52 9.14 -11.16 -0.47
N VAL C 53 9.76 -12.23 -0.97
CA VAL C 53 9.07 -13.33 -1.63
C VAL C 53 9.01 -14.50 -0.66
N PRO C 54 7.83 -15.07 -0.41
CA PRO C 54 7.75 -16.32 0.38
C PRO C 54 8.09 -17.54 -0.47
N VAL C 55 9.39 -17.79 -0.64
CA VAL C 55 9.84 -18.92 -1.43
C VAL C 55 9.60 -20.23 -0.70
N ASN C 56 9.74 -20.21 0.63
CA ASN C 56 9.52 -21.39 1.46
C ASN C 56 8.07 -21.48 1.93
N ASN C 57 7.13 -21.36 1.00
CA ASN C 57 5.70 -21.37 1.33
C ASN C 57 5.18 -22.81 1.31
N THR C 58 5.79 -23.63 2.17
CA THR C 58 5.36 -25.01 2.30
C THR C 58 4.13 -25.10 3.20
N GLU C 59 3.68 -26.32 3.44
CA GLU C 59 2.35 -26.54 4.02
C GLU C 59 2.25 -25.97 5.43
N GLY C 60 3.32 -26.09 6.22
CA GLY C 60 3.27 -25.59 7.58
C GLY C 60 3.85 -24.20 7.72
N LYS C 61 4.73 -23.81 6.80
CA LYS C 61 5.47 -22.56 6.95
C LYS C 61 4.62 -21.35 6.57
N VAL C 62 3.51 -21.56 5.88
CA VAL C 62 2.82 -20.47 5.20
C VAL C 62 2.15 -19.54 6.20
N LEU C 63 1.85 -20.05 7.40
CA LEU C 63 1.24 -19.26 8.47
C LEU C 63 2.27 -18.68 9.42
N SER C 64 3.50 -18.49 8.96
CA SER C 64 4.59 -18.08 9.82
C SER C 64 5.57 -17.22 9.04
N ILE C 65 6.49 -16.58 9.77
CA ILE C 65 7.52 -15.77 9.15
C ILE C 65 8.56 -16.63 8.45
N GLU C 66 8.54 -17.95 8.67
CA GLU C 66 9.49 -18.87 8.08
C GLU C 66 9.21 -19.10 6.61
N SER C 67 8.09 -18.56 6.12
CA SER C 67 7.79 -18.64 4.69
C SER C 67 8.81 -17.87 3.87
N TYR C 68 9.28 -16.73 4.38
CA TYR C 68 10.19 -15.90 3.62
C TYR C 68 11.62 -16.42 3.68
N GLN C 69 11.94 -17.21 4.71
CA GLN C 69 13.30 -17.65 4.94
C GLN C 69 13.64 -18.84 4.04
N ILE C 70 14.66 -18.68 3.21
CA ILE C 70 15.14 -19.75 2.33
C ILE C 70 16.32 -20.43 3.04
N PRO C 71 16.18 -21.67 3.48
CA PRO C 71 17.26 -22.31 4.24
C PRO C 71 18.41 -22.75 3.36
N VAL C 72 19.61 -22.35 3.76
CA VAL C 72 20.85 -22.81 3.16
C VAL C 72 21.75 -23.31 4.28
N GLN C 73 22.44 -24.41 4.04
CA GLN C 73 23.28 -25.04 5.05
C GLN C 73 24.51 -25.63 4.38
N SER C 74 25.47 -26.05 5.21
CA SER C 74 26.64 -26.73 4.69
C SER C 74 26.30 -28.17 4.32
N ASN C 75 26.72 -28.58 3.14
CA ASN C 75 26.39 -29.89 2.59
C ASN C 75 27.62 -30.78 2.57
N SER C 76 27.38 -32.07 2.30
CA SER C 76 28.45 -33.01 2.05
C SER C 76 28.58 -33.36 0.57
N THR C 77 27.54 -33.11 -0.23
CA THR C 77 27.57 -33.31 -1.67
C THR C 77 27.89 -31.99 -2.37
N ASN C 78 27.77 -31.99 -3.70
CA ASN C 78 28.09 -30.84 -4.52
C ASN C 78 26.98 -30.60 -5.52
N GLY C 79 26.61 -29.33 -5.70
CA GLY C 79 25.67 -28.96 -6.74
C GLY C 79 24.21 -29.08 -6.38
N SER C 80 23.88 -29.05 -5.09
CA SER C 80 22.50 -29.23 -4.68
C SER C 80 21.65 -28.02 -5.08
N GLN C 81 20.35 -28.26 -5.19
CA GLN C 81 19.41 -27.18 -5.40
C GLN C 81 19.03 -26.54 -4.06
N VAL C 82 18.83 -25.23 -4.09
CA VAL C 82 18.35 -24.50 -2.92
C VAL C 82 16.85 -24.24 -3.02
N PHE C 83 16.39 -23.75 -4.15
CA PHE C 83 14.96 -23.56 -4.38
C PHE C 83 14.69 -23.62 -5.87
N GLY C 84 13.41 -23.55 -6.23
CA GLY C 84 12.99 -23.42 -7.61
C GLY C 84 11.52 -23.15 -7.75
N PHE C 85 11.15 -22.20 -8.60
CA PHE C 85 9.74 -21.88 -8.84
C PHE C 85 9.60 -21.33 -10.25
N PRO C 86 8.39 -21.35 -10.80
CA PRO C 86 8.20 -20.86 -12.17
C PRO C 86 8.06 -19.34 -12.23
N LEU C 87 8.41 -18.80 -13.38
CA LEU C 87 8.28 -17.36 -13.63
C LEU C 87 6.82 -17.07 -14.00
N MET C 88 5.97 -17.00 -12.97
CA MET C 88 4.58 -16.58 -13.15
C MET C 88 4.27 -15.57 -12.06
N PRO C 89 4.54 -14.29 -12.31
CA PRO C 89 4.33 -13.30 -11.25
C PRO C 89 2.87 -13.08 -10.91
N GLY C 90 1.95 -13.51 -11.78
CA GLY C 90 0.55 -13.29 -11.52
C GLY C 90 -0.16 -14.52 -10.98
N ALA C 91 0.30 -15.71 -11.38
CA ALA C 91 -0.40 -16.95 -11.03
C ALA C 91 0.34 -17.80 -10.01
N SER C 92 1.67 -17.78 -10.01
CA SER C 92 2.42 -18.60 -9.07
C SER C 92 2.21 -18.11 -7.65
N SER C 93 2.02 -19.05 -6.72
CA SER C 93 1.80 -18.69 -5.32
C SER C 93 3.09 -18.17 -4.68
N VAL C 94 4.22 -18.34 -5.35
CA VAL C 94 5.48 -17.84 -4.81
C VAL C 94 5.61 -16.34 -5.05
N LEU C 95 4.82 -15.79 -5.98
CA LEU C 95 4.98 -14.40 -6.37
C LEU C 95 3.69 -13.59 -6.39
N ASN C 96 2.51 -14.22 -6.47
CA ASN C 96 1.31 -13.46 -6.76
C ASN C 96 0.79 -12.67 -5.56
N ARG C 97 1.44 -12.77 -4.40
CA ARG C 97 1.00 -12.03 -3.23
C ARG C 97 1.99 -10.95 -2.80
N THR C 98 3.02 -10.69 -3.60
CA THR C 98 3.94 -9.59 -3.36
C THR C 98 3.35 -8.28 -3.89
N LEU C 99 4.09 -7.20 -3.69
CA LEU C 99 3.64 -5.91 -4.23
C LEU C 99 3.54 -5.96 -5.75
N LEU C 100 4.49 -6.63 -6.40
CA LEU C 100 4.43 -6.77 -7.85
C LEU C 100 3.28 -7.67 -8.27
N GLY C 101 3.14 -8.83 -7.62
CA GLY C 101 2.10 -9.76 -8.00
C GLY C 101 0.71 -9.30 -7.58
N GLU C 102 0.61 -8.56 -6.48
CA GLU C 102 -0.69 -8.05 -6.06
C GLU C 102 -1.21 -7.00 -7.04
N ILE C 103 -0.31 -6.27 -7.69
CA ILE C 103 -0.72 -5.28 -8.68
C ILE C 103 -1.06 -5.96 -10.01
N LEU C 104 -0.37 -7.06 -10.32
CA LEU C 104 -0.63 -7.76 -11.57
C LEU C 104 -2.02 -8.37 -11.61
N ASN C 105 -2.56 -8.75 -10.45
CA ASN C 105 -3.84 -9.44 -10.44
C ASN C 105 -5.00 -8.52 -10.73
N TYR C 106 -4.78 -7.21 -10.76
CA TYR C 106 -5.77 -6.28 -11.27
C TYR C 106 -5.73 -6.14 -12.78
N TYR C 107 -4.76 -6.78 -13.44
CA TYR C 107 -4.56 -6.64 -14.87
C TYR C 107 -4.49 -8.02 -15.52
N THR C 108 -4.71 -8.03 -16.83
CA THR C 108 -4.73 -9.27 -17.58
C THR C 108 -3.43 -9.54 -18.33
N HIS C 109 -2.62 -8.50 -18.60
CA HIS C 109 -1.41 -8.65 -19.38
C HIS C 109 -0.26 -7.94 -18.68
N TRP C 110 0.92 -8.56 -18.75
CA TRP C 110 2.13 -7.94 -18.23
C TRP C 110 3.23 -8.11 -19.26
N SER C 111 4.34 -7.41 -19.01
CA SER C 111 5.50 -7.50 -19.89
C SER C 111 6.64 -6.72 -19.24
N GLY C 112 7.85 -7.15 -19.53
CA GLY C 112 9.03 -6.49 -19.01
C GLY C 112 9.92 -7.42 -18.22
N SER C 113 11.04 -6.88 -17.76
CA SER C 113 12.01 -7.67 -17.02
C SER C 113 11.77 -7.56 -15.53
N ILE C 114 12.12 -8.63 -14.83
CA ILE C 114 11.94 -8.75 -13.38
C ILE C 114 13.32 -8.81 -12.73
N LYS C 115 13.40 -8.26 -11.52
CA LYS C 115 14.60 -8.36 -10.69
C LYS C 115 14.32 -9.30 -9.53
N LEU C 116 15.31 -10.10 -9.17
CA LEU C 116 15.23 -10.96 -8.00
C LEU C 116 16.48 -10.72 -7.16
N THR C 117 16.32 -9.94 -6.10
CA THR C 117 17.42 -9.64 -5.18
C THR C 117 17.47 -10.70 -4.10
N PHE C 118 18.68 -11.07 -3.70
CA PHE C 118 18.91 -12.08 -2.67
C PHE C 118 19.84 -11.52 -1.61
N MET C 119 19.37 -11.50 -0.36
CA MET C 119 20.17 -11.08 0.77
C MET C 119 20.57 -12.30 1.58
N PHE C 120 21.87 -12.40 1.90
CA PHE C 120 22.40 -13.51 2.66
C PHE C 120 22.43 -13.12 4.13
N CYS C 121 21.49 -13.66 4.90
CA CYS C 121 21.30 -13.27 6.30
C CYS C 121 21.97 -14.24 7.26
N GLY C 122 23.12 -14.80 6.87
CA GLY C 122 23.93 -15.61 7.74
C GLY C 122 25.01 -14.80 8.42
N SER C 123 25.95 -15.51 9.02
CA SER C 123 27.03 -14.87 9.77
C SER C 123 28.01 -14.16 8.84
N ALA C 124 28.92 -13.41 9.45
CA ALA C 124 29.95 -12.73 8.67
C ALA C 124 31.14 -13.66 8.44
N MET C 125 31.23 -14.74 9.21
CA MET C 125 32.32 -15.68 9.05
C MET C 125 31.97 -16.76 8.03
N ALA C 126 30.71 -16.81 7.63
CA ALA C 126 30.28 -17.79 6.63
C ALA C 126 30.55 -17.28 5.22
N THR C 127 30.81 -18.22 4.31
CA THR C 127 31.12 -17.90 2.93
C THR C 127 30.43 -18.91 2.03
N GLY C 128 30.02 -18.46 0.85
CA GLY C 128 29.40 -19.35 -0.11
C GLY C 128 29.33 -18.73 -1.49
N LYS C 129 29.24 -19.60 -2.49
CA LYS C 129 28.99 -19.21 -3.87
C LYS C 129 27.73 -19.92 -4.33
N PHE C 130 26.82 -19.17 -4.96
CA PHE C 130 25.53 -19.69 -5.37
C PHE C 130 25.29 -19.37 -6.84
N LEU C 131 24.65 -20.31 -7.54
CA LEU C 131 24.34 -20.15 -8.95
C LEU C 131 22.85 -19.87 -9.09
N LEU C 132 22.51 -18.63 -9.40
CA LEU C 132 21.15 -18.19 -9.61
C LEU C 132 20.86 -18.27 -11.10
N ALA C 133 19.97 -19.18 -11.50
CA ALA C 133 19.75 -19.45 -12.90
C ALA C 133 18.30 -19.17 -13.29
N TYR C 134 18.11 -18.75 -14.54
CA TYR C 134 16.81 -18.67 -15.18
C TYR C 134 16.87 -19.43 -16.50
N SER C 135 15.82 -20.19 -16.79
CA SER C 135 15.77 -20.99 -18.02
C SER C 135 14.45 -20.72 -18.72
N PRO C 136 14.47 -20.22 -19.96
CA PRO C 136 13.23 -20.02 -20.71
C PRO C 136 12.53 -21.35 -20.95
N PRO C 137 11.26 -21.31 -21.34
CA PRO C 137 10.51 -22.54 -21.53
C PRO C 137 10.87 -23.22 -22.86
N GLY C 138 10.32 -24.42 -23.03
CA GLY C 138 10.56 -25.21 -24.22
C GLY C 138 11.14 -26.56 -23.90
N ALA C 139 12.06 -26.60 -22.94
CA ALA C 139 12.47 -27.84 -22.30
C ALA C 139 11.90 -27.82 -20.89
N GLY C 140 12.05 -28.92 -20.18
CA GLY C 140 11.54 -29.00 -18.83
C GLY C 140 12.26 -28.05 -17.90
N ALA C 141 11.91 -28.14 -16.62
CA ALA C 141 12.68 -27.45 -15.61
C ALA C 141 13.98 -28.22 -15.37
N PRO C 142 15.10 -27.51 -15.21
CA PRO C 142 16.38 -28.21 -14.97
C PRO C 142 16.34 -28.98 -13.65
N THR C 143 17.00 -30.12 -13.64
CA THR C 143 17.03 -30.98 -12.46
C THR C 143 18.43 -31.13 -11.87
N THR C 144 19.45 -30.63 -12.55
CA THR C 144 20.80 -30.62 -12.00
C THR C 144 21.44 -29.28 -12.32
N ARG C 145 22.55 -28.99 -11.65
CA ARG C 145 23.25 -27.74 -11.90
C ARG C 145 23.88 -27.72 -13.28
N LYS C 146 24.20 -28.90 -13.83
CA LYS C 146 24.78 -28.96 -15.16
C LYS C 146 23.79 -28.48 -16.21
N GLU C 147 22.49 -28.68 -15.97
CA GLU C 147 21.48 -28.24 -16.92
C GLU C 147 21.04 -26.80 -16.67
N ALA C 148 21.33 -26.26 -15.49
CA ALA C 148 20.92 -24.90 -15.18
C ALA C 148 21.92 -23.88 -15.71
N MET C 149 23.20 -24.26 -15.78
CA MET C 149 24.21 -23.33 -16.28
C MET C 149 24.12 -23.12 -17.78
N LEU C 150 23.38 -23.96 -18.48
CA LEU C 150 23.16 -23.74 -19.91
C LEU C 150 22.27 -22.52 -20.14
N GLY C 151 21.42 -22.18 -19.16
CA GLY C 151 20.53 -21.05 -19.27
C GLY C 151 21.14 -19.76 -18.75
N THR C 152 20.28 -18.78 -18.53
CA THR C 152 20.69 -17.48 -18.03
C THR C 152 20.89 -17.53 -16.52
N HIS C 153 22.08 -17.16 -16.07
CA HIS C 153 22.40 -17.32 -14.66
C HIS C 153 23.42 -16.28 -14.22
N VAL C 154 23.57 -16.17 -12.90
CA VAL C 154 24.55 -15.31 -12.27
C VAL C 154 25.17 -16.07 -11.12
N ILE C 155 26.49 -16.19 -11.11
CA ILE C 155 27.22 -16.82 -10.02
C ILE C 155 27.41 -15.78 -8.92
N TRP C 156 26.86 -16.06 -7.75
CA TRP C 156 26.84 -15.11 -6.63
C TRP C 156 27.92 -15.49 -5.64
N ASP C 157 28.83 -14.57 -5.38
CA ASP C 157 29.87 -14.72 -4.38
C ASP C 157 29.49 -13.91 -3.16
N VAL C 158 29.36 -14.57 -2.01
CA VAL C 158 28.98 -13.87 -0.79
C VAL C 158 30.20 -13.15 -0.22
N GLY C 159 29.95 -12.01 0.42
CA GLY C 159 31.04 -11.24 0.99
C GLY C 159 30.52 -9.97 1.65
N LEU C 160 31.32 -8.90 1.53
CA LEU C 160 30.96 -7.64 2.15
C LEU C 160 29.67 -7.08 1.58
N GLN C 161 29.45 -7.23 0.27
CA GLN C 161 28.17 -6.91 -0.34
C GLN C 161 27.23 -8.11 -0.15
N SER C 162 26.20 -7.93 0.65
CA SER C 162 25.38 -9.07 1.08
C SER C 162 24.37 -9.48 0.03
N SER C 163 24.02 -8.60 -0.90
CA SER C 163 22.94 -8.87 -1.82
C SER C 163 23.47 -9.15 -3.22
N CYS C 164 22.61 -9.76 -4.04
CA CYS C 164 22.90 -10.00 -5.45
C CYS C 164 21.58 -9.99 -6.22
N VAL C 165 21.64 -9.53 -7.46
CA VAL C 165 20.46 -9.38 -8.30
C VAL C 165 20.56 -10.36 -9.47
N LEU C 166 19.52 -11.16 -9.66
CA LEU C 166 19.31 -11.93 -10.87
C LEU C 166 18.22 -11.27 -11.69
N CYS C 167 18.59 -10.61 -12.77
CA CYS C 167 17.65 -9.93 -13.64
C CYS C 167 17.08 -10.95 -14.64
N ILE C 168 15.78 -11.18 -14.55
CA ILE C 168 15.08 -12.10 -15.45
C ILE C 168 14.72 -11.32 -16.71
N PRO C 169 15.46 -11.47 -17.79
CA PRO C 169 15.17 -10.68 -18.99
C PRO C 169 13.88 -11.14 -19.65
N TRP C 170 13.32 -10.25 -20.46
CA TRP C 170 12.06 -10.52 -21.16
C TRP C 170 12.36 -11.30 -22.42
N ILE C 171 12.23 -12.63 -22.36
CA ILE C 171 12.41 -13.46 -23.54
C ILE C 171 11.13 -14.24 -23.80
N SER C 172 10.25 -13.67 -24.61
CA SER C 172 9.02 -14.33 -25.01
C SER C 172 8.82 -14.15 -26.51
N GLN C 173 7.85 -14.87 -27.05
CA GLN C 173 7.53 -14.73 -28.47
C GLN C 173 6.46 -13.67 -28.71
N THR C 174 5.64 -13.37 -27.70
CA THR C 174 4.67 -12.29 -27.77
C THR C 174 5.21 -11.05 -27.06
N HIS C 175 4.48 -9.95 -27.20
CA HIS C 175 4.87 -8.73 -26.51
C HIS C 175 4.40 -8.72 -25.06
N TYR C 176 3.21 -9.25 -24.80
CA TYR C 176 2.67 -9.34 -23.46
C TYR C 176 2.44 -10.80 -23.11
N ARG C 177 2.17 -11.04 -21.82
CA ARG C 177 1.81 -12.35 -21.31
C ARG C 177 0.52 -12.24 -20.52
N TYR C 178 -0.11 -13.38 -20.28
CA TYR C 178 -1.33 -13.41 -19.47
C TYR C 178 -0.97 -13.57 -18.00
N VAL C 179 -1.64 -12.79 -17.14
CA VAL C 179 -1.42 -12.94 -15.70
C VAL C 179 -1.85 -14.32 -15.24
N VAL C 180 -2.91 -14.86 -15.84
CA VAL C 180 -3.33 -16.23 -15.52
C VAL C 180 -2.35 -17.22 -16.12
N VAL C 181 -2.43 -18.46 -15.63
CA VAL C 181 -1.56 -19.52 -16.14
C VAL C 181 -2.06 -19.93 -17.52
N ASP C 182 -1.17 -19.92 -18.51
CA ASP C 182 -1.49 -20.28 -19.88
C ASP C 182 -0.27 -20.94 -20.49
N GLU C 183 -0.50 -22.00 -21.26
CA GLU C 183 0.63 -22.75 -21.83
C GLU C 183 1.26 -21.98 -22.99
N TYR C 184 0.47 -21.18 -23.69
CA TYR C 184 1.01 -20.41 -24.80
C TYR C 184 2.00 -19.37 -24.31
N THR C 185 1.79 -18.84 -23.10
CA THR C 185 2.64 -17.80 -22.54
C THR C 185 3.38 -18.27 -21.30
N ALA C 186 3.92 -19.49 -21.33
CA ALA C 186 4.79 -19.95 -20.25
C ALA C 186 5.99 -19.04 -20.12
N GLY C 187 6.55 -18.97 -18.91
CA GLY C 187 7.59 -17.99 -18.64
C GLY C 187 8.97 -18.57 -18.40
N GLY C 188 9.03 -19.81 -17.95
CA GLY C 188 10.28 -20.44 -17.61
C GLY C 188 10.38 -20.72 -16.12
N TYR C 189 11.61 -20.98 -15.67
CA TYR C 189 11.85 -21.48 -14.33
C TYR C 189 13.05 -20.78 -13.72
N ILE C 190 12.90 -20.39 -12.45
CA ILE C 190 13.97 -19.79 -11.66
C ILE C 190 14.47 -20.84 -10.68
N THR C 191 15.78 -21.08 -10.70
CA THR C 191 16.38 -22.11 -9.85
C THR C 191 17.64 -21.56 -9.19
N CYS C 192 17.96 -22.09 -8.02
CA CYS C 192 19.19 -21.75 -7.31
C CYS C 192 19.88 -23.02 -6.87
N TRP C 193 21.20 -23.07 -7.04
CA TRP C 193 22.02 -24.23 -6.75
C TRP C 193 23.21 -23.77 -5.93
N TYR C 194 24.01 -24.74 -5.46
CA TYR C 194 25.26 -24.46 -4.78
C TYR C 194 26.39 -24.50 -5.80
N GLN C 195 27.04 -23.35 -6.02
CA GLN C 195 28.23 -23.32 -6.84
C GLN C 195 29.43 -23.84 -6.05
N THR C 196 29.37 -23.73 -4.73
CA THR C 196 30.33 -24.28 -3.80
C THR C 196 29.56 -24.64 -2.54
N ASN C 197 30.26 -24.77 -1.41
CA ASN C 197 29.58 -25.09 -0.17
C ASN C 197 29.53 -23.86 0.72
N ILE C 198 28.65 -23.90 1.72
CA ILE C 198 28.68 -22.93 2.79
C ILE C 198 29.77 -23.37 3.76
N VAL C 199 30.92 -22.72 3.69
CA VAL C 199 32.06 -23.05 4.52
C VAL C 199 32.09 -22.09 5.69
N VAL C 200 32.17 -22.63 6.90
CA VAL C 200 32.03 -21.82 8.11
C VAL C 200 33.11 -22.26 9.09
N PRO C 201 33.60 -21.38 9.95
CA PRO C 201 34.58 -21.80 10.96
C PRO C 201 33.90 -22.50 12.13
N ALA C 202 34.73 -22.94 13.08
CA ALA C 202 34.21 -23.55 14.28
C ALA C 202 33.50 -22.52 15.13
N ASP C 203 32.57 -23.00 15.95
CA ASP C 203 31.75 -22.18 16.84
C ASP C 203 30.81 -21.26 16.09
N THR C 204 30.50 -21.56 14.84
CA THR C 204 29.55 -20.80 14.04
C THR C 204 28.42 -21.72 13.61
N GLN C 205 27.28 -21.11 13.30
CA GLN C 205 26.10 -21.84 12.85
C GLN C 205 26.24 -22.17 11.37
N SER C 206 26.12 -23.46 11.03
CA SER C 206 26.18 -23.87 9.63
C SER C 206 24.90 -23.54 8.90
N ASP C 207 23.80 -23.37 9.63
CA ASP C 207 22.52 -23.08 9.00
C ASP C 207 22.32 -21.58 8.89
N CYS C 208 21.91 -21.13 7.70
CA CYS C 208 21.75 -19.72 7.43
C CYS C 208 20.41 -19.50 6.72
N LYS C 209 20.01 -18.24 6.61
CA LYS C 209 18.81 -17.84 5.90
C LYS C 209 19.17 -16.89 4.77
N ILE C 210 18.43 -17.00 3.68
CA ILE C 210 18.53 -16.07 2.55
C ILE C 210 17.14 -15.52 2.29
N LEU C 211 17.10 -14.28 1.83
CA LEU C 211 15.84 -13.57 1.59
C LEU C 211 15.72 -13.24 0.10
N CYS C 212 14.49 -13.28 -0.40
CA CYS C 212 14.22 -12.96 -1.80
C CYS C 212 13.36 -11.70 -1.89
N PHE C 213 13.71 -10.84 -2.83
CA PHE C 213 12.90 -9.67 -3.18
C PHE C 213 12.58 -9.72 -4.66
N VAL C 214 11.44 -9.16 -5.03
CA VAL C 214 11.00 -9.12 -6.42
C VAL C 214 10.48 -7.73 -6.73
N SER C 215 10.98 -7.14 -7.80
CA SER C 215 10.54 -5.82 -8.24
C SER C 215 10.67 -5.74 -9.75
N ALA C 216 9.92 -4.83 -10.35
CA ALA C 216 9.91 -4.70 -11.80
C ALA C 216 10.99 -3.74 -12.28
N CYS C 217 11.43 -3.95 -13.51
CA CYS C 217 12.42 -3.09 -14.14
C CYS C 217 11.75 -1.91 -14.83
N ASN C 218 12.57 -1.04 -15.42
CA ASN C 218 12.04 0.18 -16.02
C ASN C 218 11.30 -0.07 -17.33
N ASP C 219 11.33 -1.29 -17.84
CA ASP C 219 10.58 -1.65 -19.04
C ASP C 219 9.32 -2.47 -18.73
N PHE C 220 8.90 -2.52 -17.47
CA PHE C 220 7.74 -3.31 -17.08
C PHE C 220 6.45 -2.54 -17.32
N SER C 221 5.39 -3.27 -17.66
CA SER C 221 4.13 -2.65 -18.04
C SER C 221 3.00 -3.66 -17.86
N VAL C 222 1.79 -3.14 -17.65
CA VAL C 222 0.59 -3.93 -17.48
C VAL C 222 -0.52 -3.36 -18.35
N ARG C 223 -1.62 -4.11 -18.47
CA ARG C 223 -2.63 -3.80 -19.47
C ARG C 223 -3.93 -4.53 -19.13
N MET C 224 -5.05 -3.95 -19.56
CA MET C 224 -6.39 -4.55 -19.44
C MET C 224 -6.78 -4.82 -17.99
N LEU C 225 -7.07 -3.72 -17.29
CA LEU C 225 -7.63 -3.74 -15.93
C LEU C 225 -8.73 -4.77 -15.76
N LYS C 226 -8.69 -5.48 -14.63
CA LYS C 226 -9.71 -6.44 -14.24
C LYS C 226 -9.85 -6.43 -12.73
N ASP C 227 -10.75 -7.25 -12.22
CA ASP C 227 -10.93 -7.37 -10.78
C ASP C 227 -10.05 -8.49 -10.23
N THR C 228 -9.73 -8.39 -8.94
CA THR C 228 -8.84 -9.37 -8.35
C THR C 228 -9.60 -10.60 -7.86
N PRO C 229 -9.00 -11.78 -7.98
CA PRO C 229 -9.56 -12.96 -7.30
C PRO C 229 -9.15 -13.07 -5.85
N PHE C 230 -8.54 -12.03 -5.28
CA PHE C 230 -7.95 -12.14 -3.95
C PHE C 230 -8.90 -11.69 -2.87
N ILE C 231 -9.78 -10.73 -3.17
CA ILE C 231 -10.74 -10.21 -2.20
C ILE C 231 -12.13 -10.69 -2.59
N LYS C 232 -12.92 -11.07 -1.60
CA LYS C 232 -14.29 -11.54 -1.81
C LYS C 232 -15.21 -10.88 -0.78
N GLN C 233 -16.50 -11.20 -0.90
CA GLN C 233 -17.51 -10.64 0.00
C GLN C 233 -18.80 -11.43 -0.17
N ASP C 234 -19.45 -11.76 0.94
CA ASP C 234 -20.72 -12.46 0.87
C ASP C 234 -21.90 -11.48 0.99
N ASN C 235 -21.81 -10.55 1.93
CA ASN C 235 -22.86 -9.56 2.12
C ASN C 235 -22.23 -8.28 2.66
N PHE C 236 -23.04 -7.21 2.64
CA PHE C 236 -22.53 -5.88 2.96
C PHE C 236 -21.99 -5.80 4.38
N TYR C 237 -20.81 -5.20 4.51
CA TYR C 237 -20.23 -4.96 5.83
C TYR C 237 -21.04 -3.91 6.59
N GLN C 238 -21.49 -4.27 7.77
CA GLN C 238 -22.25 -3.34 8.61
C GLN C 238 -21.31 -2.56 9.53
N GLY D 1 -14.08 28.49 -27.01
CA GLY D 1 -13.20 27.73 -26.13
C GLY D 1 -13.33 26.22 -26.27
N ALA D 2 -12.82 25.70 -27.36
CA ALA D 2 -12.79 24.26 -27.60
C ALA D 2 -11.35 23.78 -27.57
N GLN D 3 -11.11 22.66 -26.92
CA GLN D 3 -9.78 22.09 -26.77
C GLN D 3 -9.64 20.87 -27.67
N VAL D 4 -8.71 20.93 -28.61
CA VAL D 4 -8.40 19.82 -29.50
C VAL D 4 -7.17 19.12 -28.97
N SER D 5 -7.32 17.86 -28.57
CA SER D 5 -6.25 17.06 -28.02
C SER D 5 -5.99 15.85 -28.90
N THR D 6 -4.90 15.14 -28.62
CA THR D 6 -4.56 13.96 -29.38
C THR D 6 -5.16 12.71 -28.74
N GLN D 7 -5.85 11.93 -29.56
CA GLN D 7 -6.43 10.67 -29.11
C GLN D 7 -5.34 9.68 -28.75
N LYS D 8 -5.75 8.62 -28.06
CA LYS D 8 -4.85 7.51 -27.73
C LYS D 8 -4.79 6.58 -28.93
N THR D 9 -3.64 6.53 -29.60
CA THR D 9 -3.46 5.72 -30.79
C THR D 9 -2.30 4.75 -30.57
N GLY D 10 -2.12 3.86 -31.52
CA GLY D 10 -1.06 2.87 -31.41
C GLY D 10 0.26 3.40 -31.93
N ALA D 11 1.33 2.75 -31.51
CA ALA D 11 2.68 3.13 -31.92
C ALA D 11 3.16 2.25 -33.06
N HIS D 12 4.24 2.69 -33.70
CA HIS D 12 4.86 1.94 -34.80
C HIS D 12 3.88 1.76 -35.95
N GLU D 13 3.45 2.86 -36.54
CA GLU D 13 2.46 2.86 -37.62
C GLU D 13 1.13 2.34 -37.11
N ILE D 24 -6.33 12.14 -35.91
CA ILE D 24 -6.25 11.50 -34.60
C ILE D 24 -6.28 12.54 -33.49
N HIS D 25 -7.28 13.41 -33.56
CA HIS D 25 -7.55 14.39 -32.51
C HIS D 25 -9.01 14.25 -32.11
N TYR D 26 -9.30 14.64 -30.87
CA TYR D 26 -10.68 14.81 -30.44
C TYR D 26 -10.85 16.23 -29.92
N THR D 27 -12.10 16.68 -29.89
CA THR D 27 -12.45 18.02 -29.45
C THR D 27 -13.17 17.94 -28.12
N ASN D 28 -12.96 18.94 -27.27
CA ASN D 28 -13.59 18.99 -25.96
C ASN D 28 -14.11 20.39 -25.70
N VAL D 29 -15.35 20.46 -25.21
CA VAL D 29 -15.94 21.71 -24.73
C VAL D 29 -16.47 21.44 -23.34
N ASN D 30 -16.26 22.40 -22.43
CA ASN D 30 -16.79 22.33 -21.08
C ASN D 30 -18.15 23.01 -21.05
N TYR D 31 -19.13 22.35 -20.45
CA TYR D 31 -20.49 22.86 -20.44
C TYR D 31 -20.92 23.45 -19.11
N TYR D 32 -20.30 23.04 -18.01
CA TYR D 32 -20.75 23.40 -16.67
C TYR D 32 -19.79 24.37 -16.01
N LYS D 33 -20.26 25.04 -14.96
CA LYS D 33 -19.51 26.12 -14.35
C LYS D 33 -18.52 25.61 -13.32
N ASP D 34 -18.71 24.38 -12.85
CA ASP D 34 -17.83 23.80 -11.85
C ASP D 34 -16.78 22.93 -12.50
N ALA D 35 -15.56 22.98 -11.96
CA ALA D 35 -14.48 22.19 -12.55
C ALA D 35 -14.62 20.71 -12.22
N ALA D 36 -15.41 20.37 -11.20
CA ALA D 36 -15.65 18.97 -10.88
C ALA D 36 -16.59 18.30 -11.88
N SER D 37 -17.34 19.09 -12.66
CA SER D 37 -18.25 18.52 -13.64
C SER D 37 -17.52 18.00 -14.87
N ASN D 38 -16.23 18.28 -15.00
CA ASN D 38 -15.47 17.86 -16.16
C ASN D 38 -15.28 16.34 -16.17
N SER D 39 -14.71 15.85 -17.26
CA SER D 39 -14.42 14.43 -17.37
C SER D 39 -13.03 14.12 -16.82
N ALA D 40 -12.74 12.83 -16.72
CA ALA D 40 -11.54 12.38 -16.03
C ALA D 40 -10.28 12.75 -16.79
N ASN D 41 -9.18 12.89 -16.04
CA ASN D 41 -7.85 13.16 -16.61
C ASN D 41 -7.19 11.84 -16.98
N ARG D 42 -7.69 11.25 -18.07
CA ARG D 42 -7.26 9.91 -18.46
C ARG D 42 -5.82 9.86 -18.94
N GLN D 43 -5.24 11.00 -19.30
CA GLN D 43 -3.91 11.00 -19.92
C GLN D 43 -2.94 11.90 -19.17
N ASP D 44 -2.89 11.77 -17.85
CA ASP D 44 -1.94 12.51 -17.01
C ASP D 44 -0.78 11.55 -16.69
N PHE D 45 0.17 11.49 -17.62
CA PHE D 45 1.28 10.54 -17.53
C PHE D 45 2.47 11.23 -16.87
N THR D 46 2.63 11.01 -15.56
CA THR D 46 3.76 11.50 -14.80
C THR D 46 4.29 10.35 -13.96
N GLN D 47 5.60 10.31 -13.76
CA GLN D 47 6.23 9.21 -13.03
C GLN D 47 7.42 9.73 -12.25
N ASP D 48 7.45 9.43 -10.96
CA ASP D 48 8.56 9.77 -10.07
C ASP D 48 8.78 8.63 -9.11
N PRO D 49 9.28 7.48 -9.61
CA PRO D 49 9.48 6.32 -8.74
C PRO D 49 10.61 6.49 -7.74
N GLY D 50 11.45 7.53 -7.88
CA GLY D 50 12.60 7.66 -7.01
C GLY D 50 12.24 7.87 -5.55
N LYS D 51 11.04 8.36 -5.28
CA LYS D 51 10.57 8.53 -3.91
C LYS D 51 10.61 7.22 -3.15
N PHE D 52 10.25 6.12 -3.81
CA PHE D 52 10.02 4.87 -3.09
C PHE D 52 11.16 3.89 -3.34
N THR D 53 11.88 4.03 -4.45
CA THR D 53 12.90 3.03 -4.78
C THR D 53 14.30 3.50 -4.39
N GLU D 54 14.52 4.81 -4.35
CA GLU D 54 15.82 5.37 -3.96
C GLU D 54 15.60 6.52 -2.99
N PRO D 55 15.07 6.24 -1.80
CA PRO D 55 14.86 7.28 -0.79
C PRO D 55 16.07 7.57 0.08
N VAL D 56 17.27 7.14 -0.33
CA VAL D 56 18.43 7.26 0.53
C VAL D 56 19.06 8.64 0.39
N LYS D 57 19.94 8.98 1.34
CA LYS D 57 20.50 10.33 1.38
C LYS D 57 21.60 10.50 0.35
N ASP D 58 22.50 9.53 0.24
CA ASP D 58 23.59 9.60 -0.71
C ASP D 58 23.16 9.04 -2.07
N ILE D 59 23.94 9.37 -3.10
CA ILE D 59 23.48 9.16 -4.47
C ILE D 59 23.41 7.68 -4.82
N MET D 60 24.35 6.88 -4.31
CA MET D 60 24.32 5.42 -4.48
C MET D 60 24.35 5.02 -5.96
N ILE D 61 25.50 5.29 -6.59
CA ILE D 61 25.69 4.93 -7.99
C ILE D 61 25.61 3.41 -8.16
N LYS D 62 25.15 2.98 -9.34
CA LYS D 62 24.85 1.57 -9.57
C LYS D 62 26.11 0.72 -9.61
N SER D 63 27.07 1.08 -10.47
CA SER D 63 28.23 0.23 -10.70
C SER D 63 29.12 0.17 -9.46
N MET D 64 29.09 1.20 -8.63
CA MET D 64 29.92 1.24 -7.44
C MET D 64 29.39 0.26 -6.38
N PRO D 65 30.23 -0.15 -5.45
CA PRO D 65 29.73 -0.91 -4.30
C PRO D 65 28.85 -0.05 -3.42
N ALA D 66 27.75 -0.65 -2.93
CA ALA D 66 26.84 0.09 -2.06
C ALA D 66 27.53 0.50 -0.77
N LEU D 67 28.28 -0.41 -0.16
CA LEU D 67 29.01 -0.14 1.06
C LEU D 67 30.50 -0.35 0.80
N ASN D 68 31.32 0.55 1.31
CA ASN D 68 32.77 0.46 1.12
C ASN D 68 33.31 -0.82 1.76
#